data_8REO
#
_entry.id   8REO
#
_cell.length_a   54.094
_cell.length_b   115.964
_cell.length_c   140.527
_cell.angle_alpha   90
_cell.angle_beta   90
_cell.angle_gamma   90
#
_symmetry.space_group_name_H-M   'P 21 21 21'
#
loop_
_entity.id
_entity.type
_entity.pdbx_description
1 polymer 'Flavin-dependent thymidylate synthase'
2 non-polymer "2'-DEOXYURIDINE 5'-MONOPHOSPHATE"
3 non-polymer 'HEXAETHYLENE GLYCOL'
4 non-polymer 'DIHYDROFLAVINE-ADENINE DINUCLEOTIDE'
5 non-polymer 'TETRAETHYLENE GLYCOL'
6 non-polymer DI(HYDROXYETHYL)ETHER
7 non-polymer 'TRIETHYLENE GLYCOL'
8 water water
#
_entity_poly.entity_id   1
_entity_poly.type   'polypeptide(L)'
_entity_poly.pdbx_seq_one_letter_code
;MGSDKIHHHHHHMKIDILDKGFVELVDVMGNDLSAVRAARVSFDMGLKDEERDRHLIEYLMKHGHETPFEHIVFTFHVKA
PIFVARQWFRHRIASYNELSGRYSKLSYEFYIPSPERLEGYKTTIPPERVTEKISEIVDKAYRTYLELIESGVPREVARI
VLPLNLYTRFFWTVNARSLMNFLNLRADSHAQWEIQQYALAIARIFKEKCPWTFEAFLKYAYKGDILKEVQV
;
_entity_poly.pdbx_strand_id   A,B,C,D
#
loop_
_chem_comp.id
_chem_comp.type
_chem_comp.name
_chem_comp.formula
FDA non-polymer 'DIHYDROFLAVINE-ADENINE DINUCLEOTIDE' 'C27 H35 N9 O15 P2'
P6G non-polymer 'HEXAETHYLENE GLYCOL' 'C12 H26 O7'
PEG non-polymer DI(HYDROXYETHYL)ETHER 'C4 H10 O3'
PG4 non-polymer 'TETRAETHYLENE GLYCOL' 'C8 H18 O5'
PGE non-polymer 'TRIETHYLENE GLYCOL' 'C6 H14 O4'
UMP non-polymer '2'-DEOXYURIDINE 5'-MONOPHOSPHATE' 'C9 H13 N2 O8 P'
#
# COMPACT_ATOMS: atom_id res chain seq x y z
N HIS A 12 29.05 -2.44 0.66
CA HIS A 12 28.69 -2.16 2.05
C HIS A 12 29.23 -0.81 2.52
N MET A 13 28.52 0.26 2.19
CA MET A 13 28.89 1.60 2.61
C MET A 13 28.28 1.81 3.99
N LYS A 14 29.04 2.38 4.92
CA LYS A 14 28.53 2.66 6.26
C LYS A 14 28.83 4.12 6.61
N ILE A 15 27.80 4.88 7.00
CA ILE A 15 27.96 6.27 7.37
C ILE A 15 27.53 6.47 8.80
N ASP A 16 28.41 7.03 9.65
CA ASP A 16 28.06 7.27 11.05
C ASP A 16 27.23 8.53 11.15
N ILE A 17 26.17 8.47 11.93
CA ILE A 17 25.25 9.57 12.15
C ILE A 17 25.15 9.79 13.67
N LEU A 18 25.01 11.06 14.10
CA LEU A 18 24.88 11.40 15.51
C LEU A 18 26.06 10.83 16.35
N ASP A 19 25.90 10.63 17.66
CA ASP A 19 26.98 10.12 18.50
C ASP A 19 27.21 8.63 18.36
N LYS A 20 26.15 7.81 18.18
CA LYS A 20 26.35 6.36 18.10
C LYS A 20 25.57 5.66 16.99
N GLY A 21 24.87 6.42 16.14
CA GLY A 21 24.06 5.81 15.10
C GLY A 21 24.77 5.64 13.80
N PHE A 22 24.11 4.96 12.83
CA PHE A 22 24.65 4.72 11.51
C PHE A 22 23.58 4.33 10.48
N VAL A 23 23.96 4.37 9.21
CA VAL A 23 23.18 3.92 8.08
C VAL A 23 24.17 3.07 7.30
N GLU A 24 23.80 1.84 7.04
CA GLU A 24 24.68 0.91 6.34
C GLU A 24 23.93 0.27 5.19
N LEU A 25 24.51 0.24 3.99
CA LEU A 25 23.86 -0.42 2.85
C LEU A 25 24.12 -1.93 2.97
N VAL A 26 23.06 -2.72 3.03
CA VAL A 26 23.16 -4.16 3.15
C VAL A 26 23.06 -4.85 1.77
N ASP A 27 22.15 -4.35 0.92
CA ASP A 27 21.95 -4.94 -0.40
C ASP A 27 21.24 -3.96 -1.33
N VAL A 28 21.31 -4.21 -2.63
CA VAL A 28 20.67 -3.39 -3.64
C VAL A 28 20.29 -4.26 -4.84
N MET A 29 19.14 -3.97 -5.45
CA MET A 29 18.73 -4.63 -6.65
C MET A 29 18.60 -3.59 -7.73
N GLY A 30 19.31 -3.80 -8.83
CA GLY A 30 19.24 -2.90 -9.97
C GLY A 30 20.09 -1.66 -9.86
N ASN A 31 19.98 -0.81 -10.88
CA ASN A 31 20.71 0.45 -11.00
C ASN A 31 19.89 1.39 -11.94
N ASP A 32 20.48 2.49 -12.46
CA ASP A 32 19.78 3.39 -13.36
C ASP A 32 19.14 2.68 -14.57
N LEU A 33 19.82 1.66 -15.11
CA LEU A 33 19.31 0.91 -16.27
C LEU A 33 18.06 0.08 -15.96
N SER A 34 17.81 -0.23 -14.67
CA SER A 34 16.60 -0.94 -14.29
C SER A 34 15.37 -0.07 -14.56
N ALA A 35 15.47 1.23 -14.25
CA ALA A 35 14.40 2.19 -14.51
C ALA A 35 14.22 2.39 -16.01
N VAL A 36 15.33 2.44 -16.77
CA VAL A 36 15.31 2.61 -18.22
C VAL A 36 14.57 1.45 -18.87
N ARG A 37 14.95 0.20 -18.52
CA ARG A 37 14.37 -1.03 -19.06
C ARG A 37 12.87 -1.10 -18.79
N ALA A 38 12.46 -0.69 -17.58
CA ALA A 38 11.06 -0.67 -17.16
C ALA A 38 10.27 0.42 -17.88
N ALA A 39 10.87 1.57 -18.15
CA ALA A 39 10.18 2.65 -18.85
C ALA A 39 10.00 2.29 -20.33
N ARG A 40 11.06 1.70 -20.94
CA ARG A 40 11.02 1.38 -22.37
C ARG A 40 10.01 0.31 -22.78
N VAL A 41 9.57 -0.56 -21.86
CA VAL A 41 8.56 -1.58 -22.21
C VAL A 41 7.27 -0.95 -22.76
N SER A 42 6.95 0.28 -22.34
CA SER A 42 5.78 1.02 -22.84
C SER A 42 5.78 1.14 -24.35
N PHE A 43 6.99 1.32 -24.94
CA PHE A 43 7.19 1.46 -26.39
C PHE A 43 7.68 0.18 -27.06
N ASP A 44 7.56 -0.97 -26.39
CA ASP A 44 8.03 -2.28 -26.86
C ASP A 44 9.54 -2.26 -27.14
N MET A 45 10.30 -1.48 -26.34
CA MET A 45 11.75 -1.33 -26.48
C MET A 45 12.49 -1.75 -25.20
N GLY A 46 13.82 -1.84 -25.28
CA GLY A 46 14.69 -2.15 -24.15
C GLY A 46 15.76 -1.09 -24.02
N LEU A 47 17.00 -1.48 -23.70
CA LEU A 47 18.09 -0.51 -23.59
C LEU A 47 18.55 -0.02 -24.97
N LYS A 48 19.19 1.15 -25.02
CA LYS A 48 19.71 1.68 -26.26
C LYS A 48 21.21 2.03 -26.07
N ASP A 49 21.57 3.24 -25.63
CA ASP A 49 22.96 3.62 -25.38
C ASP A 49 23.02 4.62 -24.22
N GLU A 50 24.19 4.74 -23.55
CA GLU A 50 24.37 5.63 -22.40
C GLU A 50 23.76 7.04 -22.54
N GLU A 51 23.95 7.71 -23.68
CA GLU A 51 23.40 9.06 -23.86
C GLU A 51 21.88 9.06 -23.91
N ARG A 52 21.30 8.13 -24.67
CA ARG A 52 19.84 8.06 -24.81
C ARG A 52 19.17 7.55 -23.53
N ASP A 53 19.84 6.63 -22.83
CA ASP A 53 19.32 6.05 -21.61
C ASP A 53 19.34 7.04 -20.48
N ARG A 54 20.44 7.81 -20.36
CA ARG A 54 20.53 8.85 -19.34
C ARG A 54 19.55 9.98 -19.62
N HIS A 55 19.34 10.32 -20.92
CA HIS A 55 18.36 11.32 -21.35
C HIS A 55 16.93 10.86 -20.97
N LEU A 56 16.66 9.55 -21.12
CA LEU A 56 15.36 8.98 -20.74
C LEU A 56 15.14 9.14 -19.22
N ILE A 57 16.16 8.91 -18.39
CA ILE A 57 16.08 9.08 -16.93
C ILE A 57 15.65 10.51 -16.58
N GLU A 58 16.28 11.50 -17.23
CA GLU A 58 15.98 12.91 -17.04
C GLU A 58 14.57 13.23 -17.49
N TYR A 59 14.13 12.64 -18.61
CA TYR A 59 12.78 12.81 -19.16
C TYR A 59 11.74 12.30 -18.16
N LEU A 60 11.93 11.09 -17.59
CA LEU A 60 10.99 10.51 -16.65
C LEU A 60 10.87 11.37 -15.40
N MET A 61 12.01 11.87 -14.90
CA MET A 61 12.05 12.71 -13.71
C MET A 61 11.38 14.08 -13.94
N LYS A 62 11.61 14.69 -15.12
CA LYS A 62 11.06 15.98 -15.52
C LYS A 62 9.54 15.92 -15.69
N HIS A 63 9.00 14.79 -16.21
CA HIS A 63 7.56 14.67 -16.45
C HIS A 63 6.78 13.90 -15.39
N GLY A 64 7.43 13.51 -14.30
CA GLY A 64 6.74 12.80 -13.21
C GLY A 64 6.36 11.35 -13.51
N HIS A 65 7.13 10.67 -14.35
CA HIS A 65 6.92 9.26 -14.64
C HIS A 65 7.71 8.52 -13.55
N GLU A 66 7.05 8.20 -12.43
CA GLU A 66 7.74 7.66 -11.28
C GLU A 66 7.82 6.16 -11.17
N THR A 67 6.79 5.44 -11.65
CA THR A 67 6.73 3.98 -11.53
C THR A 67 7.99 3.24 -12.03
N PRO A 68 8.72 3.66 -13.12
CA PRO A 68 9.93 2.92 -13.51
C PRO A 68 11.00 2.84 -12.42
N PHE A 69 11.01 3.82 -11.51
CA PHE A 69 11.97 3.88 -10.44
C PHE A 69 11.66 2.90 -9.29
N GLU A 70 10.45 2.31 -9.25
CA GLU A 70 10.10 1.31 -8.24
C GLU A 70 10.88 -0.01 -8.41
N HIS A 71 11.52 -0.23 -9.57
CA HIS A 71 12.25 -1.47 -9.83
C HIS A 71 13.70 -1.47 -9.32
N ILE A 72 14.12 -0.40 -8.66
CA ILE A 72 15.43 -0.30 -8.01
C ILE A 72 15.10 -0.43 -6.52
N VAL A 73 15.68 -1.41 -5.82
CA VAL A 73 15.34 -1.63 -4.41
C VAL A 73 16.60 -1.61 -3.54
N PHE A 74 16.51 -1.07 -2.32
CA PHE A 74 17.64 -1.01 -1.40
C PHE A 74 17.29 -1.66 -0.08
N THR A 75 18.28 -2.21 0.61
CA THR A 75 18.10 -2.70 1.97
C THR A 75 19.15 -2.01 2.81
N PHE A 76 18.73 -1.28 3.83
CA PHE A 76 19.63 -0.58 4.76
C PHE A 76 19.56 -1.21 6.15
N HIS A 77 20.62 -0.99 6.95
CA HIS A 77 20.73 -1.41 8.34
C HIS A 77 21.00 -0.10 9.06
N VAL A 78 20.04 0.35 9.87
CA VAL A 78 20.11 1.65 10.52
C VAL A 78 20.08 1.55 12.03
N LYS A 79 20.91 2.34 12.71
CA LYS A 79 20.92 2.41 14.16
C LYS A 79 20.54 3.85 14.47
N ALA A 80 19.39 4.05 15.13
CA ALA A 80 18.86 5.40 15.35
C ALA A 80 18.11 5.53 16.65
N PRO A 81 17.99 6.76 17.21
CA PRO A 81 17.19 6.92 18.42
C PRO A 81 15.72 6.63 18.11
N ILE A 82 14.96 6.17 19.11
CA ILE A 82 13.55 5.84 18.91
C ILE A 82 12.73 7.03 18.40
N PHE A 83 12.99 8.29 18.83
CA PHE A 83 12.20 9.44 18.31
C PHE A 83 12.43 9.63 16.80
N VAL A 84 13.61 9.25 16.29
CA VAL A 84 13.91 9.33 14.86
C VAL A 84 13.22 8.16 14.15
N ALA A 85 13.32 6.94 14.73
CA ALA A 85 12.67 5.75 14.18
C ALA A 85 11.15 5.93 14.11
N ARG A 86 10.51 6.64 15.07
CA ARG A 86 9.06 6.84 15.01
C ARG A 86 8.68 7.69 13.82
N GLN A 87 9.48 8.69 13.49
CA GLN A 87 9.23 9.53 12.30
C GLN A 87 9.49 8.72 11.02
N TRP A 88 10.56 7.91 11.03
CA TRP A 88 10.96 7.06 9.91
C TRP A 88 9.90 5.99 9.58
N PHE A 89 9.40 5.29 10.61
CA PHE A 89 8.44 4.20 10.43
C PHE A 89 7.05 4.68 9.96
N ARG A 90 6.82 6.01 9.88
CA ARG A 90 5.61 6.55 9.29
C ARG A 90 5.61 6.35 7.76
N HIS A 91 6.77 6.05 7.15
CA HIS A 91 6.84 5.78 5.73
C HIS A 91 6.40 4.34 5.51
N ARG A 92 5.10 4.16 5.23
CA ARG A 92 4.43 2.88 5.07
C ARG A 92 4.85 2.11 3.83
N ILE A 93 5.22 2.81 2.75
CA ILE A 93 5.59 2.11 1.52
C ILE A 93 7.04 1.65 1.60
N ALA A 94 7.29 0.64 2.45
CA ALA A 94 8.63 0.10 2.74
C ALA A 94 8.49 -1.13 3.68
N SER A 95 9.59 -1.87 3.94
CA SER A 95 9.62 -3.03 4.81
C SER A 95 10.55 -2.75 5.99
N TYR A 96 10.15 -3.17 7.19
CA TYR A 96 10.93 -2.95 8.39
C TYR A 96 11.04 -4.20 9.23
N ASN A 97 12.13 -4.32 9.98
CA ASN A 97 12.34 -5.38 10.97
C ASN A 97 13.28 -4.76 11.98
N GLU A 98 12.80 -4.61 13.20
CA GLU A 98 13.50 -3.90 14.25
C GLU A 98 13.74 -4.73 15.50
N LEU A 99 14.76 -4.30 16.29
CA LEU A 99 15.14 -4.83 17.59
C LEU A 99 13.90 -4.77 18.51
N SER A 100 13.62 -5.82 19.28
CA SER A 100 12.48 -5.83 20.18
C SER A 100 12.87 -5.58 21.64
N GLY A 101 12.29 -4.56 22.25
CA GLY A 101 12.50 -4.28 23.67
C GLY A 101 11.68 -5.20 24.58
N ARG A 102 10.74 -5.98 24.01
CA ARG A 102 9.98 -6.97 24.75
C ARG A 102 10.85 -8.23 24.98
N TYR A 103 11.71 -8.58 24.01
CA TYR A 103 12.51 -9.80 24.09
C TYR A 103 14.00 -9.57 24.33
N SER A 104 14.54 -8.39 24.03
CA SER A 104 15.97 -8.14 24.23
C SER A 104 16.26 -7.31 25.45
N LYS A 105 17.38 -7.60 26.11
CA LYS A 105 17.84 -6.79 27.21
C LYS A 105 18.54 -5.63 26.51
N LEU A 106 18.01 -4.43 26.64
CA LEU A 106 18.52 -3.27 25.95
C LEU A 106 19.85 -2.77 26.48
N SER A 107 20.69 -2.28 25.55
CA SER A 107 22.04 -1.78 25.84
C SER A 107 22.03 -0.32 26.28
N TYR A 108 23.08 0.08 27.02
CA TYR A 108 23.23 1.45 27.48
C TYR A 108 23.71 2.29 26.29
N GLU A 109 22.80 2.60 25.35
CA GLU A 109 23.14 3.40 24.18
C GLU A 109 22.02 4.38 23.92
N PHE A 110 22.31 5.65 24.17
CA PHE A 110 21.34 6.72 24.04
C PHE A 110 21.93 7.88 23.26
N TYR A 111 21.08 8.67 22.60
CA TYR A 111 21.54 9.83 21.85
C TYR A 111 21.63 11.01 22.79
N ILE A 112 22.85 11.48 23.03
CA ILE A 112 23.05 12.66 23.85
C ILE A 112 23.43 13.76 22.89
N PRO A 113 22.60 14.80 22.77
CA PRO A 113 22.93 15.88 21.84
C PRO A 113 24.19 16.62 22.29
N SER A 114 24.98 17.06 21.32
CA SER A 114 26.16 17.84 21.63
C SER A 114 25.72 19.29 21.90
N PRO A 115 26.53 20.11 22.61
CA PRO A 115 26.10 21.51 22.86
C PRO A 115 25.81 22.27 21.57
N GLU A 116 26.49 21.93 20.46
CA GLU A 116 26.30 22.58 19.16
C GLU A 116 24.86 22.42 18.62
N ARG A 117 24.13 21.40 19.07
CA ARG A 117 22.73 21.17 18.65
C ARG A 117 21.82 22.35 19.06
N LEU A 118 22.18 23.06 20.13
CA LEU A 118 21.39 24.18 20.60
C LEU A 118 21.87 25.54 20.10
N GLU A 119 22.76 25.56 19.09
CA GLU A 119 23.27 26.81 18.53
C GLU A 119 22.13 27.52 17.83
N GLY A 120 22.05 28.83 18.04
CA GLY A 120 20.98 29.61 17.44
C GLY A 120 19.74 29.71 18.31
N TYR A 121 19.82 29.18 19.55
CA TYR A 121 18.72 29.24 20.49
C TYR A 121 19.22 29.95 21.72
N LYS A 122 18.52 31.01 22.13
CA LYS A 122 18.90 31.75 23.33
C LYS A 122 18.34 30.95 24.48
N THR A 123 19.24 30.29 25.24
CA THR A 123 18.79 29.46 26.36
C THR A 123 19.25 30.04 27.69
N THR A 124 18.35 30.02 28.72
CA THR A 124 18.66 30.53 30.06
C THR A 124 19.74 29.71 30.76
N ILE A 125 19.98 28.47 30.31
CA ILE A 125 21.06 27.64 30.81
C ILE A 125 22.00 27.29 29.64
N PRO A 126 23.31 27.19 29.88
CA PRO A 126 24.24 26.88 28.77
C PRO A 126 23.92 25.57 28.07
N PRO A 127 24.17 25.47 26.75
CA PRO A 127 23.90 24.21 26.04
C PRO A 127 24.59 22.99 26.66
N GLU A 128 25.78 23.19 27.23
CA GLU A 128 26.55 22.14 27.91
C GLU A 128 25.76 21.58 29.09
N ARG A 129 25.02 22.43 29.80
CA ARG A 129 24.20 22.00 30.93
C ARG A 129 22.96 21.22 30.46
N VAL A 130 22.41 21.57 29.28
CA VAL A 130 21.29 20.84 28.69
C VAL A 130 21.74 19.40 28.35
N THR A 131 22.95 19.27 27.79
CA THR A 131 23.60 18.01 27.46
C THR A 131 23.71 17.14 28.72
N GLU A 132 24.16 17.76 29.83
CA GLU A 132 24.32 17.10 31.12
C GLU A 132 22.97 16.65 31.69
N LYS A 133 21.94 17.51 31.64
CA LYS A 133 20.61 17.19 32.16
C LYS A 133 20.01 16.00 31.41
N ILE A 134 20.20 15.97 30.08
CA ILE A 134 19.74 14.88 29.24
C ILE A 134 20.47 13.60 29.62
N SER A 135 21.81 13.64 29.75
CA SER A 135 22.61 12.47 30.16
C SER A 135 22.20 11.94 31.52
N GLU A 136 21.88 12.84 32.45
CA GLU A 136 21.51 12.50 33.81
C GLU A 136 20.21 11.70 33.84
N ILE A 137 19.19 12.19 33.12
CA ILE A 137 17.91 11.52 33.09
C ILE A 137 18.01 10.14 32.43
N VAL A 138 18.80 9.98 31.32
CA VAL A 138 18.96 8.67 30.70
C VAL A 138 19.70 7.70 31.62
N ASP A 139 20.62 8.22 32.45
CA ASP A 139 21.37 7.38 33.38
C ASP A 139 20.43 6.86 34.46
N LYS A 140 19.60 7.74 35.02
CA LYS A 140 18.65 7.36 36.05
C LYS A 140 17.62 6.37 35.50
N ALA A 141 17.09 6.64 34.30
CA ALA A 141 16.09 5.75 33.69
C ALA A 141 16.69 4.39 33.38
N TYR A 142 17.91 4.35 32.82
CA TYR A 142 18.54 3.07 32.50
C TYR A 142 18.82 2.25 33.76
N ARG A 143 19.24 2.92 34.84
CA ARG A 143 19.50 2.23 36.11
C ARG A 143 18.20 1.66 36.67
N THR A 144 17.10 2.41 36.60
CA THR A 144 15.80 1.92 37.05
C THR A 144 15.36 0.70 36.24
N TYR A 145 15.59 0.75 34.92
CA TYR A 145 15.28 -0.34 34.00
C TYR A 145 16.02 -1.62 34.41
N LEU A 146 17.34 -1.52 34.68
CA LEU A 146 18.11 -2.69 35.11
C LEU A 146 17.63 -3.20 36.46
N GLU A 147 17.29 -2.30 37.39
CA GLU A 147 16.77 -2.68 38.70
C GLU A 147 15.48 -3.50 38.58
N LEU A 148 14.54 -3.04 37.72
CA LEU A 148 13.28 -3.74 37.52
C LEU A 148 13.53 -5.10 36.89
N ILE A 149 14.43 -5.18 35.89
CA ILE A 149 14.80 -6.44 35.24
C ILE A 149 15.34 -7.43 36.30
N GLU A 150 16.35 -7.00 37.09
CA GLU A 150 16.98 -7.79 38.15
C GLU A 150 15.99 -8.21 39.23
N SER A 151 14.93 -7.43 39.44
CA SER A 151 13.92 -7.79 40.44
C SER A 151 12.83 -8.72 39.90
N GLY A 152 12.91 -9.14 38.65
CA GLY A 152 11.92 -10.05 38.06
C GLY A 152 10.80 -9.41 37.26
N VAL A 153 10.87 -8.10 37.01
CA VAL A 153 9.86 -7.41 36.22
C VAL A 153 10.08 -7.81 34.77
N PRO A 154 9.05 -8.29 34.05
CA PRO A 154 9.26 -8.67 32.64
C PRO A 154 9.78 -7.50 31.80
N ARG A 155 10.74 -7.78 30.91
CA ARG A 155 11.37 -6.80 30.02
C ARG A 155 10.41 -5.82 29.36
N GLU A 156 9.29 -6.32 28.81
CA GLU A 156 8.30 -5.50 28.12
C GLU A 156 7.67 -4.42 28.98
N VAL A 157 7.69 -4.58 30.31
CA VAL A 157 7.16 -3.61 31.26
C VAL A 157 8.31 -2.73 31.75
N ALA A 158 9.45 -3.33 32.10
CA ALA A 158 10.59 -2.57 32.62
C ALA A 158 11.09 -1.50 31.65
N ARG A 159 11.01 -1.75 30.33
CA ARG A 159 11.51 -0.79 29.36
C ARG A 159 10.65 0.48 29.21
N ILE A 160 9.41 0.49 29.74
CA ILE A 160 8.53 1.63 29.55
C ILE A 160 9.08 2.92 30.18
N VAL A 161 10.05 2.81 31.11
CA VAL A 161 10.71 3.94 31.73
C VAL A 161 11.85 4.50 30.88
N LEU A 162 12.26 3.80 29.82
CA LEU A 162 13.38 4.25 28.98
C LEU A 162 13.01 5.42 28.08
N PRO A 163 13.88 6.44 28.00
CA PRO A 163 13.53 7.64 27.22
C PRO A 163 13.57 7.47 25.70
N LEU A 164 12.93 8.42 25.00
CA LEU A 164 12.83 8.43 23.54
C LEU A 164 14.17 8.53 22.80
N ASN A 165 15.26 8.86 23.50
CA ASN A 165 16.58 8.90 22.84
C ASN A 165 17.32 7.55 22.87
N LEU A 166 16.67 6.48 23.35
CA LEU A 166 17.24 5.12 23.37
C LEU A 166 17.53 4.71 21.93
N TYR A 167 18.72 4.14 21.66
CA TYR A 167 19.04 3.69 20.33
C TYR A 167 18.35 2.36 20.02
N THR A 168 17.86 2.24 18.80
CA THR A 168 17.26 1.02 18.29
C THR A 168 17.94 0.67 16.96
N ARG A 169 17.72 -0.55 16.44
CA ARG A 169 18.33 -0.96 15.17
C ARG A 169 17.24 -1.58 14.33
N PHE A 170 17.29 -1.31 13.01
CA PHE A 170 16.30 -1.89 12.12
C PHE A 170 16.86 -2.08 10.70
N PHE A 171 16.23 -3.00 9.95
CA PHE A 171 16.48 -3.24 8.54
C PHE A 171 15.35 -2.52 7.79
N TRP A 172 15.70 -1.79 6.73
CA TRP A 172 14.75 -1.02 5.96
C TRP A 172 14.88 -1.41 4.50
N THR A 173 13.84 -2.03 3.91
CA THR A 173 13.87 -2.36 2.49
C THR A 173 12.91 -1.40 1.77
N VAL A 174 13.43 -0.62 0.83
CA VAL A 174 12.64 0.42 0.17
C VAL A 174 13.02 0.57 -1.31
N ASN A 175 12.05 0.82 -2.20
CA ASN A 175 12.37 1.05 -3.61
C ASN A 175 12.77 2.53 -3.83
N ALA A 176 13.37 2.85 -4.98
CA ALA A 176 13.83 4.22 -5.26
C ALA A 176 12.72 5.25 -5.29
N ARG A 177 11.48 4.86 -5.68
CA ARG A 177 10.37 5.82 -5.69
C ARG A 177 10.00 6.27 -4.27
N SER A 178 9.83 5.30 -3.36
CA SER A 178 9.51 5.61 -1.97
C SER A 178 10.71 6.27 -1.25
N LEU A 179 11.94 5.89 -1.62
CA LEU A 179 13.15 6.49 -1.08
C LEU A 179 13.21 7.97 -1.50
N MET A 180 12.82 8.29 -2.76
CA MET A 180 12.80 9.67 -3.22
C MET A 180 11.74 10.50 -2.47
N ASN A 181 10.61 9.88 -2.11
CA ASN A 181 9.58 10.52 -1.30
C ASN A 181 10.15 10.78 0.10
N PHE A 182 10.92 9.82 0.65
CA PHE A 182 11.56 9.93 1.95
C PHE A 182 12.54 11.12 1.91
N LEU A 183 13.32 11.26 0.82
CA LEU A 183 14.28 12.36 0.69
C LEU A 183 13.59 13.73 0.55
N ASN A 184 12.45 13.79 -0.15
CA ASN A 184 11.71 15.03 -0.31
C ASN A 184 11.24 15.56 1.04
N LEU A 185 10.78 14.65 1.92
CA LEU A 185 10.23 14.98 3.23
C LEU A 185 11.25 15.08 4.36
N ARG A 186 12.29 14.22 4.35
CA ARG A 186 13.25 14.17 5.44
C ARG A 186 14.56 14.89 5.17
N ALA A 187 14.98 14.99 3.89
CA ALA A 187 16.18 15.77 3.57
C ALA A 187 15.65 17.18 3.28
N ASP A 188 15.09 17.81 4.31
CA ASP A 188 14.45 19.11 4.22
C ASP A 188 14.46 19.79 5.60
N SER A 189 14.66 21.12 5.65
CA SER A 189 14.78 21.88 6.89
C SER A 189 13.54 21.78 7.79
N HIS A 190 12.35 21.44 7.23
CA HIS A 190 11.16 21.29 8.07
C HIS A 190 11.23 20.02 8.92
N ALA A 191 11.95 18.98 8.43
CA ALA A 191 12.09 17.74 9.19
C ALA A 191 13.00 17.99 10.40
N GLN A 192 12.91 17.16 11.44
CA GLN A 192 13.74 17.35 12.62
C GLN A 192 15.21 17.15 12.25
N TRP A 193 16.11 18.02 12.75
CA TRP A 193 17.53 17.98 12.42
C TRP A 193 18.15 16.58 12.46
N GLU A 194 17.81 15.80 13.49
CA GLU A 194 18.32 14.45 13.67
C GLU A 194 17.99 13.53 12.48
N ILE A 195 16.75 13.60 11.95
CA ILE A 195 16.40 12.76 10.80
C ILE A 195 16.94 13.34 9.50
N GLN A 196 17.20 14.66 9.40
CA GLN A 196 17.80 15.23 8.19
C GLN A 196 19.20 14.63 7.96
N GLN A 197 19.95 14.39 9.05
CA GLN A 197 21.27 13.80 9.03
C GLN A 197 21.19 12.39 8.47
N TYR A 198 20.18 11.62 8.90
CA TYR A 198 19.97 10.27 8.43
C TYR A 198 19.61 10.26 6.95
N ALA A 199 18.76 11.21 6.53
CA ALA A 199 18.36 11.36 5.13
C ALA A 199 19.55 11.75 4.26
N LEU A 200 20.52 12.50 4.79
CA LEU A 200 21.71 12.87 4.03
C LEU A 200 22.53 11.62 3.73
N ALA A 201 22.63 10.70 4.69
CA ALA A 201 23.35 9.44 4.50
C ALA A 201 22.64 8.57 3.48
N ILE A 202 21.29 8.53 3.51
CA ILE A 202 20.48 7.77 2.56
C ILE A 202 20.72 8.33 1.16
N ALA A 203 20.75 9.68 1.02
CA ALA A 203 21.01 10.35 -0.24
C ALA A 203 22.40 9.99 -0.82
N ARG A 204 23.45 9.96 0.02
CA ARG A 204 24.81 9.61 -0.41
C ARG A 204 24.85 8.19 -0.99
N ILE A 205 24.28 7.20 -0.27
CA ILE A 205 24.24 5.81 -0.76
C ILE A 205 23.44 5.71 -2.07
N PHE A 206 22.31 6.45 -2.15
CA PHE A 206 21.48 6.50 -3.35
C PHE A 206 22.27 7.07 -4.53
N LYS A 207 23.01 8.17 -4.32
CA LYS A 207 23.84 8.81 -5.34
C LYS A 207 24.92 7.83 -5.85
N GLU A 208 25.53 7.06 -4.95
CA GLU A 208 26.60 6.13 -5.31
C GLU A 208 26.08 4.96 -6.17
N LYS A 209 24.88 4.47 -5.85
CA LYS A 209 24.30 3.34 -6.57
C LYS A 209 23.51 3.72 -7.81
N CYS A 210 22.87 4.90 -7.82
CA CYS A 210 22.08 5.36 -8.95
C CYS A 210 22.46 6.82 -9.28
N PRO A 211 23.66 7.05 -9.84
CA PRO A 211 24.08 8.44 -10.11
C PRO A 211 23.16 9.22 -11.04
N TRP A 212 22.70 8.60 -12.14
CA TRP A 212 21.83 9.29 -13.09
C TRP A 212 20.48 9.63 -12.49
N THR A 213 19.88 8.68 -11.75
CA THR A 213 18.59 8.91 -11.10
C THR A 213 18.72 9.97 -10.04
N PHE A 214 19.78 9.90 -9.22
CA PHE A 214 20.00 10.90 -8.16
C PHE A 214 20.19 12.29 -8.73
N GLU A 215 21.01 12.43 -9.77
CA GLU A 215 21.29 13.70 -10.42
C GLU A 215 20.03 14.27 -11.03
N ALA A 216 19.26 13.43 -11.72
CA ALA A 216 18.01 13.87 -12.36
C ALA A 216 16.98 14.26 -11.32
N PHE A 217 16.93 13.51 -10.20
CA PHE A 217 16.02 13.77 -9.09
C PHE A 217 16.31 15.15 -8.51
N LEU A 218 17.58 15.45 -8.18
CA LEU A 218 17.96 16.77 -7.65
C LEU A 218 17.60 17.89 -8.61
N LYS A 219 17.85 17.65 -9.90
CA LYS A 219 17.63 18.61 -10.96
C LYS A 219 16.15 18.93 -11.23
N TYR A 220 15.27 17.91 -11.29
CA TYR A 220 13.88 18.15 -11.68
C TYR A 220 12.79 17.84 -10.70
N ALA A 221 12.96 16.86 -9.79
CA ALA A 221 11.84 16.43 -8.95
C ALA A 221 11.98 16.64 -7.46
N TYR A 222 13.21 16.80 -6.95
CA TYR A 222 13.48 16.99 -5.53
C TYR A 222 12.78 18.23 -4.98
N LYS A 223 11.96 18.05 -3.94
CA LYS A 223 11.17 19.10 -3.34
C LYS A 223 11.78 19.72 -2.07
N GLY A 224 12.73 19.03 -1.44
CA GLY A 224 13.38 19.52 -0.24
C GLY A 224 14.34 20.66 -0.50
N ASP A 225 15.07 21.12 0.53
CA ASP A 225 16.00 22.22 0.36
C ASP A 225 17.46 21.90 0.69
N ILE A 226 17.73 21.02 1.67
CA ILE A 226 19.10 20.77 2.11
C ILE A 226 20.00 20.01 1.13
N LEU A 227 19.48 19.16 0.22
CA LEU A 227 20.35 18.42 -0.71
C LEU A 227 20.96 19.29 -1.80
N LYS A 228 20.33 20.42 -2.12
CA LYS A 228 20.86 21.36 -3.09
C LYS A 228 21.94 22.29 -2.48
N GLU A 229 22.04 22.36 -1.13
CA GLU A 229 22.99 23.19 -0.43
C GLU A 229 24.17 22.40 0.11
N VAL A 230 23.94 21.16 0.54
CA VAL A 230 24.96 20.29 1.13
C VAL A 230 25.50 19.29 0.12
N GLN A 231 26.82 19.24 -0.06
CA GLN A 231 27.43 18.29 -0.99
C GLN A 231 27.42 16.87 -0.41
N HIS B 10 -22.59 4.81 13.56
CA HIS B 10 -21.54 5.79 13.30
C HIS B 10 -21.17 6.69 14.50
N HIS B 11 -22.12 6.98 15.41
CA HIS B 11 -21.88 7.87 16.56
C HIS B 11 -20.70 7.42 17.49
N HIS B 12 -20.28 8.33 18.40
CA HIS B 12 -19.07 8.22 19.20
C HIS B 12 -19.00 7.13 20.29
N MET B 13 -18.78 5.85 19.88
CA MET B 13 -18.50 4.78 20.84
C MET B 13 -17.16 5.12 21.56
N LYS B 14 -16.99 4.77 22.83
CA LYS B 14 -15.77 5.08 23.57
C LYS B 14 -15.52 4.05 24.65
N ILE B 15 -14.30 3.51 24.69
CA ILE B 15 -13.91 2.51 25.67
C ILE B 15 -12.63 3.00 26.32
N ASP B 16 -12.61 3.06 27.66
CA ASP B 16 -11.43 3.49 28.40
C ASP B 16 -10.50 2.31 28.57
N ILE B 17 -9.22 2.51 28.27
CA ILE B 17 -8.19 1.48 28.30
C ILE B 17 -7.03 1.95 29.17
N LEU B 18 -6.48 1.04 30.00
CA LEU B 18 -5.41 1.37 30.93
C LEU B 18 -5.86 2.49 31.90
N ASP B 19 -4.92 3.20 32.53
CA ASP B 19 -5.26 4.24 33.49
C ASP B 19 -5.79 5.53 32.86
N LYS B 20 -5.29 5.95 31.69
CA LYS B 20 -5.75 7.21 31.08
C LYS B 20 -6.05 7.15 29.59
N GLY B 21 -5.94 5.97 28.98
CA GLY B 21 -6.13 5.86 27.55
C GLY B 21 -7.54 5.58 27.12
N PHE B 22 -7.76 5.52 25.80
CA PHE B 22 -9.08 5.23 25.26
C PHE B 22 -9.02 4.88 23.78
N VAL B 23 -10.11 4.28 23.30
CA VAL B 23 -10.40 3.96 21.91
C VAL B 23 -11.79 4.55 21.70
N GLU B 24 -11.95 5.49 20.78
CA GLU B 24 -13.21 6.15 20.53
C GLU B 24 -13.56 6.03 19.05
N LEU B 25 -14.78 5.60 18.70
CA LEU B 25 -15.21 5.52 17.31
C LEU B 25 -15.64 6.92 16.86
N VAL B 26 -14.97 7.44 15.84
CA VAL B 26 -15.26 8.77 15.31
C VAL B 26 -16.22 8.68 14.12
N ASP B 27 -15.99 7.74 13.21
CA ASP B 27 -16.82 7.59 12.03
C ASP B 27 -16.74 6.17 11.46
N VAL B 28 -17.72 5.81 10.63
CA VAL B 28 -17.76 4.51 9.96
C VAL B 28 -18.44 4.65 8.61
N MET B 29 -17.94 3.91 7.62
CA MET B 29 -18.57 3.88 6.31
C MET B 29 -18.95 2.44 6.06
N GLY B 30 -20.23 2.24 5.77
CA GLY B 30 -20.71 0.92 5.42
C GLY B 30 -21.03 0.03 6.60
N ASN B 31 -21.45 -1.19 6.29
CA ASN B 31 -21.81 -2.21 7.28
C ASN B 31 -21.65 -3.61 6.60
N ASP B 32 -22.21 -4.69 7.18
CA ASP B 32 -22.13 -6.02 6.59
C ASP B 32 -22.58 -6.06 5.11
N LEU B 33 -23.63 -5.29 4.77
CA LEU B 33 -24.18 -5.26 3.41
C LEU B 33 -23.23 -4.60 2.39
N SER B 34 -22.26 -3.79 2.84
CA SER B 34 -21.27 -3.21 1.95
C SER B 34 -20.39 -4.33 1.37
N ALA B 35 -20.00 -5.31 2.21
CA ALA B 35 -19.21 -6.44 1.77
C ALA B 35 -20.07 -7.34 0.86
N VAL B 36 -21.39 -7.49 1.16
CA VAL B 36 -22.32 -8.31 0.35
C VAL B 36 -22.45 -7.74 -1.05
N ARG B 37 -22.71 -6.42 -1.15
CA ARG B 37 -22.83 -5.74 -2.44
C ARG B 37 -21.54 -5.85 -3.24
N ALA B 38 -20.37 -5.71 -2.60
CA ALA B 38 -19.10 -5.80 -3.28
C ALA B 38 -18.79 -7.22 -3.74
N ALA B 39 -19.20 -8.24 -2.98
CA ALA B 39 -18.97 -9.63 -3.41
C ALA B 39 -19.91 -10.00 -4.56
N ARG B 40 -21.18 -9.56 -4.48
CA ARG B 40 -22.17 -9.91 -5.51
C ARG B 40 -21.92 -9.32 -6.88
N VAL B 41 -21.16 -8.20 -7.00
CA VAL B 41 -20.88 -7.61 -8.33
C VAL B 41 -20.20 -8.61 -9.25
N SER B 42 -19.43 -9.57 -8.69
CA SER B 42 -18.78 -10.63 -9.45
C SER B 42 -19.78 -11.39 -10.33
N PHE B 43 -21.00 -11.63 -9.79
CA PHE B 43 -22.07 -12.36 -10.48
C PHE B 43 -23.14 -11.45 -11.09
N ASP B 44 -22.83 -10.15 -11.26
CA ASP B 44 -23.74 -9.13 -11.78
C ASP B 44 -25.00 -9.02 -10.91
N MET B 45 -24.86 -9.23 -9.59
CA MET B 45 -25.96 -9.19 -8.63
C MET B 45 -25.71 -8.11 -7.54
N GLY B 46 -26.73 -7.85 -6.73
CA GLY B 46 -26.62 -6.93 -5.61
C GLY B 46 -27.09 -7.63 -4.35
N LEU B 47 -27.85 -6.94 -3.49
CA LEU B 47 -28.40 -7.56 -2.30
C LEU B 47 -29.53 -8.54 -2.65
N LYS B 48 -29.81 -9.47 -1.75
CA LYS B 48 -30.91 -10.43 -1.92
C LYS B 48 -31.81 -10.36 -0.68
N ASP B 49 -31.55 -11.17 0.37
CA ASP B 49 -32.33 -11.14 1.61
C ASP B 49 -31.42 -11.48 2.80
N GLU B 50 -31.82 -11.11 4.01
CA GLU B 50 -31.02 -11.32 5.23
C GLU B 50 -30.40 -12.74 5.36
N GLU B 51 -31.15 -13.80 5.05
CA GLU B 51 -30.64 -15.17 5.18
C GLU B 51 -29.57 -15.48 4.17
N ARG B 52 -29.79 -15.06 2.92
CA ARG B 52 -28.82 -15.32 1.86
C ARG B 52 -27.61 -14.41 1.98
N ASP B 53 -27.81 -13.16 2.40
CA ASP B 53 -26.73 -12.20 2.52
C ASP B 53 -25.84 -12.51 3.71
N ARG B 54 -26.41 -12.98 4.83
CA ARG B 54 -25.61 -13.40 5.97
C ARG B 54 -24.85 -14.68 5.65
N HIS B 55 -25.47 -15.60 4.89
CA HIS B 55 -24.84 -16.85 4.44
C HIS B 55 -23.64 -16.52 3.52
N LEU B 56 -23.78 -15.48 2.66
CA LEU B 56 -22.71 -15.04 1.78
C LEU B 56 -21.53 -14.52 2.60
N ILE B 57 -21.77 -13.70 3.64
CA ILE B 57 -20.70 -13.21 4.53
C ILE B 57 -19.90 -14.37 5.12
N GLU B 58 -20.60 -15.42 5.61
CA GLU B 58 -19.96 -16.61 6.17
C GLU B 58 -19.15 -17.35 5.11
N TYR B 59 -19.71 -17.51 3.89
CA TYR B 59 -19.04 -18.14 2.75
C TYR B 59 -17.72 -17.40 2.44
N LEU B 60 -17.77 -16.05 2.33
CA LEU B 60 -16.60 -15.23 2.01
C LEU B 60 -15.50 -15.44 3.03
N MET B 61 -15.87 -15.39 4.32
CA MET B 61 -14.96 -15.53 5.44
C MET B 61 -14.30 -16.90 5.49
N LYS B 62 -15.07 -17.99 5.34
CA LYS B 62 -14.48 -19.32 5.38
C LYS B 62 -13.67 -19.68 4.10
N HIS B 63 -13.91 -18.99 2.98
CA HIS B 63 -13.16 -19.24 1.74
C HIS B 63 -12.02 -18.29 1.47
N GLY B 64 -11.83 -17.29 2.33
CA GLY B 64 -10.73 -16.36 2.14
C GLY B 64 -10.95 -15.30 1.09
N HIS B 65 -12.21 -15.04 0.72
CA HIS B 65 -12.57 -13.96 -0.22
C HIS B 65 -12.58 -12.70 0.66
N GLU B 66 -11.43 -12.06 0.83
CA GLU B 66 -11.29 -10.93 1.75
C GLU B 66 -11.52 -9.53 1.19
N THR B 67 -11.26 -9.28 -0.10
CA THR B 67 -11.40 -7.95 -0.70
C THR B 67 -12.79 -7.28 -0.51
N PRO B 68 -13.95 -7.97 -0.52
CA PRO B 68 -15.22 -7.25 -0.27
C PRO B 68 -15.28 -6.51 1.06
N PHE B 69 -14.56 -7.01 2.09
CA PHE B 69 -14.50 -6.39 3.42
C PHE B 69 -13.69 -5.10 3.47
N GLU B 70 -12.90 -4.81 2.42
CA GLU B 70 -12.15 -3.56 2.34
C GLU B 70 -13.07 -2.33 2.15
N HIS B 71 -14.35 -2.55 1.77
CA HIS B 71 -15.29 -1.45 1.54
C HIS B 71 -16.00 -0.97 2.82
N ILE B 72 -15.67 -1.55 3.99
CA ILE B 72 -16.18 -1.12 5.29
C ILE B 72 -14.99 -0.38 5.92
N VAL B 73 -15.14 0.90 6.27
CA VAL B 73 -14.02 1.68 6.79
C VAL B 73 -14.37 2.29 8.15
N PHE B 74 -13.39 2.36 9.06
CA PHE B 74 -13.60 2.93 10.39
C PHE B 74 -12.61 4.05 10.64
N THR B 75 -12.99 5.03 11.47
CA THR B 75 -12.05 6.04 11.94
C THR B 75 -12.12 6.02 13.44
N PHE B 76 -10.99 5.79 14.11
CA PHE B 76 -10.90 5.76 15.56
C PHE B 76 -10.06 6.93 16.07
N HIS B 77 -10.26 7.32 17.33
CA HIS B 77 -9.51 8.35 18.03
C HIS B 77 -8.96 7.61 19.25
N VAL B 78 -7.64 7.41 19.28
CA VAL B 78 -7.00 6.59 20.30
C VAL B 78 -6.01 7.39 21.14
N LYS B 79 -6.02 7.17 22.44
CA LYS B 79 -5.05 7.78 23.34
C LYS B 79 -4.30 6.59 23.95
N ALA B 80 -2.99 6.50 23.69
CA ALA B 80 -2.22 5.34 24.11
C ALA B 80 -0.78 5.68 24.46
N PRO B 81 -0.11 4.86 25.31
CA PRO B 81 1.31 5.11 25.57
C PRO B 81 2.13 4.90 24.30
N ILE B 82 3.23 5.64 24.15
CA ILE B 82 4.07 5.56 22.95
C ILE B 82 4.57 4.13 22.65
N PHE B 83 4.88 3.28 23.66
CA PHE B 83 5.31 1.91 23.35
C PHE B 83 4.17 1.09 22.69
N VAL B 84 2.90 1.42 23.00
CA VAL B 84 1.76 0.75 22.37
C VAL B 84 1.60 1.31 20.93
N ALA B 85 1.68 2.65 20.80
CA ALA B 85 1.58 3.29 19.48
C ALA B 85 2.68 2.81 18.52
N ARG B 86 3.91 2.52 19.00
CA ARG B 86 4.95 2.01 18.13
C ARG B 86 4.61 0.67 17.55
N GLN B 87 4.01 -0.21 18.35
CA GLN B 87 3.57 -1.51 17.87
C GLN B 87 2.39 -1.36 16.90
N TRP B 88 1.46 -0.49 17.24
CA TRP B 88 0.28 -0.23 16.45
C TRP B 88 0.61 0.36 15.08
N PHE B 89 1.47 1.40 15.01
CA PHE B 89 1.85 2.07 13.77
C PHE B 89 2.63 1.19 12.79
N ARG B 90 2.99 -0.04 13.21
CA ARG B 90 3.58 -1.01 12.29
C ARG B 90 2.53 -1.53 11.28
N HIS B 91 1.23 -1.37 11.57
CA HIS B 91 0.17 -1.76 10.64
C HIS B 91 0.10 -0.69 9.55
N ARG B 92 0.82 -0.94 8.44
CA ARG B 92 0.97 -0.01 7.32
C ARG B 92 -0.26 0.21 6.49
N ILE B 93 -1.14 -0.79 6.39
CA ILE B 93 -2.34 -0.67 5.55
C ILE B 93 -3.44 0.03 6.34
N ALA B 94 -3.25 1.33 6.58
CA ALA B 94 -4.12 2.18 7.40
C ALA B 94 -3.63 3.66 7.30
N SER B 95 -4.41 4.61 7.85
CA SER B 95 -4.08 6.02 7.87
C SER B 95 -3.93 6.51 9.31
N TYR B 96 -2.91 7.34 9.56
CA TYR B 96 -2.65 7.84 10.89
C TYR B 96 -2.39 9.34 10.88
N ASN B 97 -2.73 9.99 12.00
CA ASN B 97 -2.44 11.39 12.25
C ASN B 97 -2.33 11.50 13.76
N GLU B 98 -1.14 11.81 14.24
CA GLU B 98 -0.80 11.79 15.64
C GLU B 98 -0.32 13.14 16.15
N LEU B 99 -0.47 13.33 17.48
CA LEU B 99 0.00 14.46 18.26
C LEU B 99 1.52 14.57 18.06
N SER B 100 2.02 15.80 17.89
CA SER B 100 3.44 16.02 17.65
C SER B 100 4.15 16.56 18.87
N GLY B 101 5.17 15.86 19.32
CA GLY B 101 6.03 16.33 20.40
C GLY B 101 6.98 17.44 19.95
N ARG B 102 7.14 17.62 18.62
CA ARG B 102 7.96 18.69 18.08
C ARG B 102 7.24 20.04 18.24
N TYR B 103 5.90 20.06 18.12
CA TYR B 103 5.15 21.30 18.16
C TYR B 103 4.26 21.48 19.38
N SER B 104 3.91 20.41 20.10
CA SER B 104 3.04 20.56 21.27
C SER B 104 3.79 20.48 22.58
N LYS B 105 3.34 21.25 23.57
CA LYS B 105 3.89 21.15 24.91
C LYS B 105 3.11 19.99 25.48
N LEU B 106 3.79 18.88 25.78
CA LEU B 106 3.14 17.66 26.23
C LEU B 106 2.62 17.76 27.66
N SER B 107 1.44 17.15 27.92
CA SER B 107 0.81 17.10 29.23
C SER B 107 1.43 16.03 30.11
N TYR B 108 1.20 16.14 31.44
CA TYR B 108 1.69 15.17 32.43
C TYR B 108 0.74 13.97 32.41
N GLU B 109 0.86 13.14 31.37
CA GLU B 109 0.02 11.96 31.23
C GLU B 109 0.87 10.76 30.84
N PHE B 110 1.08 9.84 31.78
CA PHE B 110 1.88 8.64 31.57
C PHE B 110 1.13 7.39 32.00
N TYR B 111 1.48 6.23 31.41
CA TYR B 111 0.87 4.98 31.80
C TYR B 111 1.63 4.41 32.97
N ILE B 112 0.98 4.34 34.13
CA ILE B 112 1.60 3.75 35.31
C ILE B 112 0.91 2.42 35.49
N PRO B 113 1.63 1.30 35.35
CA PRO B 113 0.99 -0.01 35.52
C PRO B 113 0.53 -0.20 36.96
N SER B 114 -0.58 -0.89 37.13
CA SER B 114 -1.09 -1.19 38.46
C SER B 114 -0.29 -2.40 39.02
N PRO B 115 -0.28 -2.60 40.36
CA PRO B 115 0.44 -3.76 40.90
C PRO B 115 0.00 -5.10 40.29
N GLU B 116 -1.28 -5.20 39.91
CA GLU B 116 -1.85 -6.39 39.30
C GLU B 116 -1.20 -6.78 37.97
N ARG B 117 -0.57 -5.82 37.27
CA ARG B 117 0.10 -6.10 36.00
C ARG B 117 1.28 -7.11 36.17
N LEU B 118 1.84 -7.19 37.39
CA LEU B 118 2.95 -8.11 37.65
C LEU B 118 2.50 -9.45 38.25
N GLU B 119 1.18 -9.72 38.29
CA GLU B 119 0.67 -10.98 38.83
C GLU B 119 1.19 -12.15 38.00
N GLY B 120 1.64 -13.19 38.68
CA GLY B 120 2.23 -14.34 38.00
C GLY B 120 3.74 -14.22 37.82
N TYR B 121 4.34 -13.15 38.37
CA TYR B 121 5.78 -12.94 38.31
C TYR B 121 6.27 -12.84 39.73
N LYS B 122 7.21 -13.70 40.12
CA LYS B 122 7.76 -13.67 41.46
C LYS B 122 8.77 -12.54 41.44
N THR B 123 8.46 -11.42 42.11
CA THR B 123 9.39 -10.29 42.13
C THR B 123 10.06 -10.14 43.50
N THR B 124 11.34 -9.71 43.52
CA THR B 124 12.09 -9.49 44.76
C THR B 124 11.61 -8.26 45.55
N ILE B 125 10.95 -7.32 44.87
CA ILE B 125 10.34 -6.15 45.50
C ILE B 125 8.82 -6.19 45.25
N PRO B 126 7.99 -5.70 46.20
CA PRO B 126 6.54 -5.77 46.00
C PRO B 126 6.07 -5.06 44.73
N PRO B 127 5.03 -5.58 44.05
CA PRO B 127 4.54 -4.93 42.83
C PRO B 127 4.21 -3.45 43.02
N GLU B 128 3.72 -3.08 44.22
CA GLU B 128 3.38 -1.70 44.59
C GLU B 128 4.62 -0.81 44.49
N ARG B 129 5.80 -1.34 44.87
CA ARG B 129 7.05 -0.60 44.80
C ARG B 129 7.52 -0.42 43.35
N VAL B 130 7.24 -1.40 42.47
CA VAL B 130 7.54 -1.31 41.03
C VAL B 130 6.74 -0.15 40.42
N THR B 131 5.45 -0.07 40.79
CA THR B 131 4.52 0.99 40.38
C THR B 131 5.08 2.36 40.80
N GLU B 132 5.57 2.46 42.05
CA GLU B 132 6.17 3.66 42.60
C GLU B 132 7.45 4.04 41.88
N LYS B 133 8.34 3.07 41.60
CA LYS B 133 9.60 3.33 40.90
C LYS B 133 9.36 3.89 39.51
N ILE B 134 8.35 3.32 38.82
CA ILE B 134 7.97 3.76 37.49
C ILE B 134 7.42 5.20 37.58
N SER B 135 6.53 5.48 38.54
CA SER B 135 5.97 6.82 38.72
C SER B 135 7.06 7.86 39.02
N GLU B 136 8.05 7.46 39.82
CA GLU B 136 9.15 8.32 40.26
C GLU B 136 10.00 8.74 39.07
N ILE B 137 10.38 7.78 38.22
CA ILE B 137 11.23 8.09 37.09
C ILE B 137 10.50 8.93 36.06
N VAL B 138 9.19 8.70 35.84
CA VAL B 138 8.43 9.55 34.90
C VAL B 138 8.29 10.98 35.45
N ASP B 139 8.17 11.13 36.79
CA ASP B 139 8.08 12.43 37.41
C ASP B 139 9.36 13.21 37.18
N LYS B 140 10.51 12.55 37.39
CA LYS B 140 11.80 13.19 37.20
C LYS B 140 12.00 13.57 35.73
N ALA B 141 11.65 12.66 34.80
CA ALA B 141 11.80 12.94 33.38
C ALA B 141 10.91 14.08 32.93
N TYR B 142 9.64 14.09 33.37
CA TYR B 142 8.71 15.14 33.00
C TYR B 142 9.16 16.50 33.54
N ARG B 143 9.68 16.53 34.78
CA ARG B 143 10.18 17.77 35.37
C ARG B 143 11.38 18.31 34.60
N THR B 144 12.30 17.42 34.18
CA THR B 144 13.45 17.83 33.38
C THR B 144 12.99 18.39 32.03
N TYR B 145 11.98 17.76 31.42
CA TYR B 145 11.39 18.19 30.17
C TYR B 145 10.85 19.64 30.30
N LEU B 146 10.08 19.92 31.37
CA LEU B 146 9.54 21.26 31.57
C LEU B 146 10.66 22.27 31.81
N GLU B 147 11.71 21.87 32.55
CA GLU B 147 12.86 22.74 32.81
C GLU B 147 13.54 23.16 31.50
N LEU B 148 13.78 22.18 30.59
CA LEU B 148 14.42 22.46 29.32
C LEU B 148 13.54 23.37 28.46
N ILE B 149 12.22 23.11 28.44
CA ILE B 149 11.25 23.96 27.73
C ILE B 149 11.33 25.41 28.25
N GLU B 150 11.20 25.60 29.58
CA GLU B 150 11.26 26.90 30.24
C GLU B 150 12.58 27.62 29.99
N SER B 151 13.68 26.87 29.81
CA SER B 151 14.97 27.47 29.54
C SER B 151 15.21 27.82 28.06
N GLY B 152 14.23 27.59 27.19
CA GLY B 152 14.38 27.91 25.78
C GLY B 152 14.82 26.77 24.87
N VAL B 153 14.94 25.56 25.40
CA VAL B 153 15.33 24.40 24.58
C VAL B 153 14.14 24.07 23.68
N PRO B 154 14.35 23.97 22.35
CA PRO B 154 13.24 23.61 21.46
C PRO B 154 12.56 22.30 21.88
N ARG B 155 11.22 22.28 21.86
CA ARG B 155 10.40 21.13 22.24
C ARG B 155 10.88 19.81 21.64
N GLU B 156 11.24 19.78 20.35
CA GLU B 156 11.68 18.57 19.66
C GLU B 156 12.94 17.93 20.27
N VAL B 157 13.73 18.71 21.01
CA VAL B 157 14.93 18.24 21.69
C VAL B 157 14.56 17.91 23.15
N ALA B 158 13.85 18.82 23.83
CA ALA B 158 13.48 18.61 25.23
C ALA B 158 12.73 17.30 25.46
N ARG B 159 11.83 16.93 24.53
CA ARG B 159 11.02 15.72 24.71
C ARG B 159 11.81 14.41 24.65
N ILE B 160 13.09 14.43 24.24
CA ILE B 160 13.83 13.18 24.08
C ILE B 160 14.12 12.47 25.40
N VAL B 161 14.00 13.18 26.54
CA VAL B 161 14.18 12.59 27.85
C VAL B 161 12.87 11.89 28.35
N LEU B 162 11.72 12.11 27.65
CA LEU B 162 10.46 11.53 28.10
C LEU B 162 10.38 10.01 27.86
N PRO B 163 9.88 9.27 28.86
CA PRO B 163 9.85 7.80 28.74
C PRO B 163 8.79 7.25 27.79
N LEU B 164 8.98 5.98 27.40
CA LEU B 164 8.09 5.28 26.46
C LEU B 164 6.65 5.12 26.94
N ASN B 165 6.36 5.36 28.23
CA ASN B 165 4.99 5.28 28.72
C ASN B 165 4.22 6.61 28.62
N LEU B 166 4.81 7.64 27.98
CA LEU B 166 4.15 8.93 27.75
C LEU B 166 2.92 8.68 26.86
N TYR B 167 1.78 9.29 27.21
CA TYR B 167 0.58 9.13 26.40
C TYR B 167 0.63 10.01 25.16
N THR B 168 0.24 9.45 24.03
CA THR B 168 0.10 10.15 22.77
C THR B 168 -1.34 9.99 22.28
N ARG B 169 -1.76 10.80 21.29
N ARG B 169 -1.75 10.77 21.27
CA ARG B 169 -3.11 10.74 20.73
CA ARG B 169 -3.10 10.69 20.73
C ARG B 169 -3.03 10.65 19.22
C ARG B 169 -3.04 10.64 19.23
N PHE B 170 -3.90 9.81 18.62
CA PHE B 170 -3.90 9.69 17.18
C PHE B 170 -5.26 9.30 16.63
N PHE B 171 -5.46 9.58 15.31
CA PHE B 171 -6.61 9.19 14.52
C PHE B 171 -6.17 8.02 13.66
N TRP B 172 -6.98 6.97 13.59
CA TRP B 172 -6.66 5.77 12.86
C TRP B 172 -7.78 5.45 11.91
N THR B 173 -7.56 5.53 10.58
CA THR B 173 -8.57 5.18 9.60
C THR B 173 -8.16 3.84 8.96
N VAL B 174 -9.00 2.83 9.09
CA VAL B 174 -8.67 1.48 8.68
C VAL B 174 -9.90 0.73 8.12
N ASN B 175 -9.71 -0.09 7.08
CA ASN B 175 -10.82 -0.87 6.55
C ASN B 175 -10.99 -2.19 7.33
N ALA B 176 -12.12 -2.87 7.19
CA ALA B 176 -12.36 -4.11 7.95
C ALA B 176 -11.37 -5.23 7.65
N ARG B 177 -10.81 -5.30 6.43
CA ARG B 177 -9.83 -6.36 6.11
C ARG B 177 -8.54 -6.17 6.93
N SER B 178 -8.01 -4.93 6.95
CA SER B 178 -6.79 -4.61 7.70
C SER B 178 -7.06 -4.65 9.21
N LEU B 179 -8.27 -4.27 9.62
CA LEU B 179 -8.69 -4.33 11.01
C LEU B 179 -8.73 -5.79 11.48
N MET B 180 -9.20 -6.71 10.62
CA MET B 180 -9.23 -8.14 10.98
C MET B 180 -7.82 -8.72 11.10
N ASN B 181 -6.87 -8.22 10.29
CA ASN B 181 -5.46 -8.60 10.40
C ASN B 181 -4.91 -8.08 11.73
N PHE B 182 -5.30 -6.85 12.12
CA PHE B 182 -4.90 -6.23 13.37
C PHE B 182 -5.41 -7.07 14.54
N LEU B 183 -6.65 -7.55 14.47
CA LEU B 183 -7.23 -8.37 15.54
C LEU B 183 -6.56 -9.75 15.64
N ASN B 184 -6.19 -10.35 14.52
CA ASN B 184 -5.50 -11.65 14.52
C ASN B 184 -4.18 -11.56 15.27
N LEU B 185 -3.43 -10.45 15.06
CA LEU B 185 -2.11 -10.23 15.63
C LEU B 185 -2.10 -9.61 17.02
N ARG B 186 -3.02 -8.66 17.28
CA ARG B 186 -3.00 -7.91 18.55
C ARG B 186 -4.01 -8.41 19.57
N ALA B 187 -5.13 -9.01 19.14
CA ALA B 187 -6.08 -9.59 20.10
C ALA B 187 -5.62 -11.05 20.25
N ASP B 188 -4.41 -11.23 20.79
CA ASP B 188 -3.77 -12.51 20.94
C ASP B 188 -2.75 -12.45 22.07
N SER B 189 -2.62 -13.55 22.85
CA SER B 189 -1.73 -13.60 24.01
C SER B 189 -0.26 -13.36 23.69
N HIS B 190 0.17 -13.54 22.42
CA HIS B 190 1.56 -13.26 22.04
C HIS B 190 1.83 -11.77 21.99
N ALA B 191 0.81 -10.94 21.69
CA ALA B 191 0.98 -9.48 21.69
C ALA B 191 1.14 -9.00 23.14
N GLN B 192 1.74 -7.82 23.34
CA GLN B 192 1.94 -7.29 24.68
C GLN B 192 0.59 -7.01 25.32
N TRP B 193 0.41 -7.36 26.61
CA TRP B 193 -0.85 -7.19 27.34
C TRP B 193 -1.52 -5.84 27.12
N GLU B 194 -0.74 -4.76 27.13
CA GLU B 194 -1.25 -3.41 26.94
C GLU B 194 -1.95 -3.23 25.59
N ILE B 195 -1.35 -3.71 24.49
CA ILE B 195 -1.98 -3.57 23.17
C ILE B 195 -3.14 -4.58 22.99
N GLN B 196 -3.15 -5.70 23.74
CA GLN B 196 -4.30 -6.62 23.68
C GLN B 196 -5.54 -5.89 24.19
N GLN B 197 -5.40 -5.06 25.24
CA GLN B 197 -6.47 -4.28 25.83
C GLN B 197 -7.09 -3.32 24.82
N TYR B 198 -6.25 -2.67 24.01
CA TYR B 198 -6.74 -1.80 22.95
C TYR B 198 -7.41 -2.62 21.85
N ALA B 199 -6.83 -3.80 21.50
CA ALA B 199 -7.44 -4.66 20.46
C ALA B 199 -8.81 -5.20 20.90
N LEU B 200 -9.02 -5.46 22.21
CA LEU B 200 -10.33 -5.88 22.71
C LEU B 200 -11.35 -4.76 22.48
N ALA B 201 -10.94 -3.50 22.71
CA ALA B 201 -11.80 -2.35 22.47
C ALA B 201 -12.11 -2.19 20.97
N ILE B 202 -11.14 -2.46 20.07
CA ILE B 202 -11.36 -2.37 18.62
C ILE B 202 -12.34 -3.46 18.18
N ALA B 203 -12.19 -4.67 18.71
CA ALA B 203 -13.07 -5.80 18.39
C ALA B 203 -14.50 -5.53 18.84
N ARG B 204 -14.65 -4.90 20.01
CA ARG B 204 -15.94 -4.58 20.57
C ARG B 204 -16.68 -3.61 19.67
N ILE B 205 -15.98 -2.61 19.14
CA ILE B 205 -16.60 -1.63 18.25
C ILE B 205 -16.96 -2.30 16.89
N PHE B 206 -16.03 -3.10 16.38
CA PHE B 206 -16.20 -3.86 15.13
C PHE B 206 -17.44 -4.75 15.20
N LYS B 207 -17.63 -5.46 16.31
CA LYS B 207 -18.78 -6.34 16.55
C LYS B 207 -20.10 -5.55 16.48
N GLU B 208 -20.10 -4.36 17.08
CA GLU B 208 -21.28 -3.51 17.15
C GLU B 208 -21.68 -2.97 15.77
N LYS B 209 -20.68 -2.61 14.95
CA LYS B 209 -20.96 -2.05 13.63
C LYS B 209 -21.13 -3.09 12.53
N CYS B 210 -20.47 -4.24 12.65
CA CYS B 210 -20.54 -5.31 11.64
C CYS B 210 -20.77 -6.65 12.34
N PRO B 211 -21.97 -6.88 12.90
CA PRO B 211 -22.20 -8.13 13.65
C PRO B 211 -22.01 -9.42 12.84
N TRP B 212 -22.49 -9.47 11.60
CA TRP B 212 -22.33 -10.67 10.76
C TRP B 212 -20.87 -10.94 10.41
N THR B 213 -20.13 -9.88 10.04
CA THR B 213 -18.73 -10.01 9.68
C THR B 213 -17.93 -10.44 10.88
N PHE B 214 -18.18 -9.81 12.05
CA PHE B 214 -17.47 -10.16 13.27
C PHE B 214 -17.73 -11.60 13.69
N GLU B 215 -18.98 -12.03 13.67
CA GLU B 215 -19.37 -13.39 14.06
C GLU B 215 -18.73 -14.39 13.10
N ALA B 216 -18.76 -14.13 11.78
CA ALA B 216 -18.17 -15.03 10.80
C ALA B 216 -16.66 -15.08 10.96
N PHE B 217 -16.04 -13.93 11.26
CA PHE B 217 -14.60 -13.80 11.46
C PHE B 217 -14.19 -14.68 12.65
N LEU B 218 -14.87 -14.54 13.81
CA LEU B 218 -14.55 -15.36 14.98
C LEU B 218 -14.70 -16.85 14.69
N LYS B 219 -15.76 -17.20 13.96
CA LYS B 219 -16.11 -18.56 13.65
C LYS B 219 -15.15 -19.25 12.69
N TYR B 220 -14.67 -18.55 11.63
CA TYR B 220 -13.89 -19.23 10.61
C TYR B 220 -12.51 -18.69 10.29
N ALA B 221 -12.21 -17.40 10.56
CA ALA B 221 -10.93 -16.85 10.12
C ALA B 221 -10.03 -16.31 11.23
N TYR B 222 -10.59 -15.97 12.39
CA TYR B 222 -9.83 -15.41 13.51
C TYR B 222 -8.74 -16.38 14.00
N LYS B 223 -7.49 -15.89 13.98
CA LYS B 223 -6.31 -16.66 14.32
C LYS B 223 -5.82 -16.49 15.75
N GLY B 224 -6.24 -15.42 16.42
CA GLY B 224 -5.83 -15.17 17.80
C GLY B 224 -6.52 -16.06 18.81
N ASP B 225 -6.29 -15.83 20.11
CA ASP B 225 -6.88 -16.67 21.14
C ASP B 225 -7.78 -15.96 22.15
N ILE B 226 -7.51 -14.69 22.48
CA ILE B 226 -8.27 -14.00 23.53
C ILE B 226 -9.73 -13.63 23.17
N LEU B 227 -10.10 -13.44 21.89
CA LEU B 227 -11.49 -13.06 21.58
C LEU B 227 -12.47 -14.21 21.79
N LYS B 228 -12.01 -15.44 21.59
CA LYS B 228 -12.85 -16.62 21.81
C LYS B 228 -13.08 -16.91 23.32
N GLU B 229 -12.30 -16.27 24.22
CA GLU B 229 -12.42 -16.45 25.67
C GLU B 229 -13.22 -15.30 26.32
N HIS C 12 20.53 -17.48 -16.68
CA HIS C 12 19.32 -16.89 -17.23
C HIS C 12 18.15 -17.86 -17.06
N MET C 13 17.03 -17.41 -16.49
CA MET C 13 15.87 -18.27 -16.29
C MET C 13 14.65 -17.74 -17.05
N LYS C 14 14.21 -18.49 -18.06
CA LYS C 14 13.05 -18.13 -18.86
C LYS C 14 12.19 -19.37 -19.11
N ILE C 15 10.90 -19.29 -18.76
CA ILE C 15 9.99 -20.42 -18.92
C ILE C 15 8.87 -20.01 -19.87
N ASP C 16 8.65 -20.78 -20.95
CA ASP C 16 7.57 -20.48 -21.87
C ASP C 16 6.25 -20.93 -21.29
N ILE C 17 5.23 -20.07 -21.41
CA ILE C 17 3.90 -20.29 -20.88
C ILE C 17 2.88 -20.13 -22.03
N LEU C 18 1.84 -21.01 -22.06
CA LEU C 18 0.80 -20.98 -23.09
C LEU C 18 1.41 -21.11 -24.51
N ASP C 19 0.80 -20.51 -25.56
CA ASP C 19 1.32 -20.61 -26.91
C ASP C 19 2.44 -19.59 -27.20
N LYS C 20 2.36 -18.38 -26.68
CA LYS C 20 3.41 -17.38 -26.99
C LYS C 20 3.93 -16.58 -25.79
N GLY C 21 3.50 -16.90 -24.59
CA GLY C 21 3.92 -16.17 -23.40
C GLY C 21 5.16 -16.68 -22.73
N PHE C 22 5.58 -16.00 -21.66
CA PHE C 22 6.73 -16.41 -20.87
C PHE C 22 6.80 -15.68 -19.54
N VAL C 23 7.64 -16.22 -18.63
CA VAL C 23 8.02 -15.67 -17.33
C VAL C 23 9.53 -15.71 -17.34
N GLU C 24 10.18 -14.56 -17.20
CA GLU C 24 11.63 -14.48 -17.24
C GLU C 24 12.13 -13.76 -16.00
N LEU C 25 13.16 -14.31 -15.31
CA LEU C 25 13.73 -13.63 -14.15
C LEU C 25 14.71 -12.59 -14.63
N VAL C 26 14.51 -11.34 -14.27
CA VAL C 26 15.36 -10.25 -14.68
C VAL C 26 16.39 -9.92 -13.59
N ASP C 27 15.95 -9.91 -12.33
CA ASP C 27 16.83 -9.57 -11.21
C ASP C 27 16.28 -10.11 -9.89
N VAL C 28 17.15 -10.23 -8.88
CA VAL C 28 16.75 -10.67 -7.56
C VAL C 28 17.62 -9.96 -6.51
N MET C 29 17.03 -9.64 -5.36
CA MET C 29 17.80 -9.10 -4.25
C MET C 29 17.62 -10.03 -3.08
N GLY C 30 18.74 -10.52 -2.59
CA GLY C 30 18.72 -11.39 -1.43
C GLY C 30 18.47 -12.84 -1.72
N ASN C 31 18.37 -13.63 -0.66
CA ASN C 31 18.14 -15.06 -0.71
C ASN C 31 17.52 -15.47 0.66
N ASP C 32 17.47 -16.77 0.99
CA ASP C 32 16.93 -17.22 2.28
C ASP C 32 17.56 -16.53 3.49
N LEU C 33 18.88 -16.23 3.43
CA LEU C 33 19.59 -15.58 4.52
C LEU C 33 19.17 -14.13 4.74
N SER C 34 18.57 -13.48 3.72
CA SER C 34 18.04 -12.13 3.88
C SER C 34 16.87 -12.12 4.85
N ALA C 35 16.01 -13.16 4.82
CA ALA C 35 14.91 -13.28 5.76
C ALA C 35 15.46 -13.60 7.17
N VAL C 36 16.56 -14.39 7.25
CA VAL C 36 17.18 -14.70 8.54
C VAL C 36 17.80 -13.42 9.14
N ARG C 37 18.59 -12.68 8.34
CA ARG C 37 19.21 -11.41 8.76
C ARG C 37 18.13 -10.42 9.23
N ALA C 38 16.94 -10.43 8.61
CA ALA C 38 15.87 -9.55 9.02
C ALA C 38 15.13 -10.04 10.29
N ALA C 39 14.95 -11.35 10.47
CA ALA C 39 14.26 -11.88 11.65
C ALA C 39 15.09 -11.83 12.92
N ARG C 40 16.38 -12.11 12.82
CA ARG C 40 17.26 -12.21 14.00
C ARG C 40 17.44 -10.92 14.78
N VAL C 41 17.17 -9.73 14.19
CA VAL C 41 17.29 -8.47 14.97
C VAL C 41 16.47 -8.50 16.31
N ASP C 49 24.47 -20.37 10.43
CA ASP C 49 24.45 -21.84 10.49
C ASP C 49 23.28 -22.37 9.67
N GLU C 50 23.56 -23.23 8.68
CA GLU C 50 22.55 -23.81 7.81
C GLU C 50 21.35 -24.43 8.54
N GLU C 51 21.58 -25.31 9.50
CA GLU C 51 20.49 -25.99 10.19
C GLU C 51 19.67 -25.06 11.07
N ARG C 52 20.33 -24.14 11.78
CA ARG C 52 19.63 -23.20 12.64
C ARG C 52 18.86 -22.15 11.81
N ASP C 53 19.38 -21.73 10.66
CA ASP C 53 18.72 -20.74 9.80
C ASP C 53 17.53 -21.31 9.07
N ARG C 54 17.61 -22.57 8.61
CA ARG C 54 16.49 -23.26 7.97
C ARG C 54 15.41 -23.46 9.03
N HIS C 55 15.81 -23.83 10.26
CA HIS C 55 14.89 -24.03 11.37
C HIS C 55 14.17 -22.73 11.70
N LEU C 56 14.89 -21.59 11.65
CA LEU C 56 14.30 -20.27 11.87
C LEU C 56 13.30 -19.95 10.76
N ILE C 57 13.65 -20.15 9.45
CA ILE C 57 12.72 -19.92 8.33
C ILE C 57 11.41 -20.71 8.55
N GLU C 58 11.54 -21.99 8.92
CA GLU C 58 10.40 -22.87 9.18
C GLU C 58 9.56 -22.38 10.36
N TYR C 59 10.22 -21.86 11.38
CA TYR C 59 9.56 -21.32 12.56
C TYR C 59 8.74 -20.08 12.15
N LEU C 60 9.35 -19.13 11.41
CA LEU C 60 8.69 -17.91 10.93
C LEU C 60 7.47 -18.25 10.08
N MET C 61 7.60 -19.19 9.14
CA MET C 61 6.49 -19.60 8.29
C MET C 61 5.35 -20.26 9.11
N LYS C 62 5.70 -21.17 10.04
CA LYS C 62 4.75 -21.89 10.89
C LYS C 62 3.92 -20.98 11.81
N HIS C 63 4.55 -19.92 12.35
CA HIS C 63 3.88 -19.00 13.25
C HIS C 63 3.36 -17.70 12.63
N GLY C 64 3.42 -17.59 11.32
CA GLY C 64 2.92 -16.41 10.63
C GLY C 64 3.76 -15.16 10.77
N HIS C 65 5.07 -15.29 10.98
CA HIS C 65 5.99 -14.15 11.03
C HIS C 65 6.39 -13.93 9.56
N GLU C 66 5.62 -13.10 8.85
CA GLU C 66 5.82 -12.92 7.41
C GLU C 66 6.72 -11.78 7.02
N THR C 67 6.78 -10.69 7.81
CA THR C 67 7.54 -9.51 7.46
C THR C 67 9.03 -9.78 7.10
N PRO C 68 9.81 -10.71 7.74
CA PRO C 68 11.21 -10.89 7.30
C PRO C 68 11.35 -11.32 5.84
N PHE C 69 10.30 -11.94 5.28
CA PHE C 69 10.31 -12.37 3.89
C PHE C 69 10.16 -11.22 2.89
N GLU C 70 9.73 -10.03 3.35
CA GLU C 70 9.59 -8.85 2.49
C GLU C 70 10.98 -8.31 2.00
N HIS C 71 12.08 -8.75 2.62
CA HIS C 71 13.41 -8.27 2.26
C HIS C 71 14.06 -9.05 1.10
N ILE C 72 13.35 -10.03 0.51
CA ILE C 72 13.79 -10.76 -0.67
C ILE C 72 12.91 -10.20 -1.79
N VAL C 73 13.51 -9.64 -2.85
CA VAL C 73 12.73 -9.00 -3.92
C VAL C 73 13.09 -9.60 -5.28
N PHE C 74 12.10 -9.74 -6.16
CA PHE C 74 12.30 -10.29 -7.50
C PHE C 74 11.81 -9.32 -8.56
N THR C 75 12.43 -9.34 -9.73
CA THR C 75 11.92 -8.59 -10.87
C THR C 75 11.74 -9.59 -12.00
N PHE C 76 10.52 -9.72 -12.52
CA PHE C 76 10.20 -10.61 -13.62
C PHE C 76 9.84 -9.82 -14.87
N HIS C 77 9.96 -10.46 -16.03
CA HIS C 77 9.58 -9.94 -17.34
C HIS C 77 8.58 -10.98 -17.84
N VAL C 78 7.31 -10.60 -17.94
CA VAL C 78 6.24 -11.53 -18.29
C VAL C 78 5.52 -11.12 -19.57
N LYS C 79 5.23 -12.10 -20.42
CA LYS C 79 4.45 -11.86 -21.65
C LYS C 79 3.19 -12.70 -21.45
N ALA C 80 2.03 -12.06 -21.42
CA ALA C 80 0.78 -12.75 -21.10
C ALA C 80 -0.43 -12.15 -21.81
N PRO C 81 -1.52 -12.93 -22.02
CA PRO C 81 -2.73 -12.31 -22.60
C PRO C 81 -3.35 -11.32 -21.63
N ILE C 82 -4.00 -10.27 -22.16
CA ILE C 82 -4.59 -9.22 -21.34
C ILE C 82 -5.59 -9.77 -20.29
N PHE C 83 -6.39 -10.82 -20.57
CA PHE C 83 -7.29 -11.35 -19.53
C PHE C 83 -6.51 -11.94 -18.34
N VAL C 84 -5.29 -12.45 -18.58
CA VAL C 84 -4.44 -12.98 -17.50
C VAL C 84 -3.81 -11.78 -16.76
N ALA C 85 -3.30 -10.80 -17.51
CA ALA C 85 -2.70 -9.59 -16.91
C ALA C 85 -3.72 -8.83 -16.06
N ARG C 86 -5.02 -8.81 -16.42
CA ARG C 86 -6.02 -8.13 -15.61
C ARG C 86 -6.16 -8.79 -14.25
N GLN C 87 -6.10 -10.12 -14.20
CA GLN C 87 -6.18 -10.85 -12.93
C GLN C 87 -4.89 -10.63 -12.12
N TRP C 88 -3.72 -10.65 -12.81
CA TRP C 88 -2.41 -10.44 -12.22
C TRP C 88 -2.26 -9.05 -11.59
N PHE C 89 -2.65 -8.00 -12.32
CA PHE C 89 -2.50 -6.62 -11.88
C PHE C 89 -3.40 -6.27 -10.70
N ARG C 90 -4.29 -7.17 -10.28
CA ARG C 90 -5.08 -6.97 -9.07
C ARG C 90 -4.19 -7.09 -7.81
N HIS C 91 -2.98 -7.67 -7.93
CA HIS C 91 -2.07 -7.78 -6.80
C HIS C 91 -1.36 -6.42 -6.67
N ARG C 92 -1.92 -5.56 -5.81
CA ARG C 92 -1.48 -4.20 -5.57
C ARG C 92 -0.15 -4.06 -4.89
N ILE C 93 0.22 -5.01 -4.02
CA ILE C 93 1.49 -4.92 -3.30
C ILE C 93 2.61 -5.45 -4.18
N ALA C 94 2.95 -4.68 -5.23
CA ALA C 94 3.95 -5.01 -6.25
C ALA C 94 4.13 -3.77 -7.19
N SER C 95 5.14 -3.81 -8.08
CA SER C 95 5.41 -2.76 -9.04
C SER C 95 5.23 -3.31 -10.45
N TYR C 96 4.63 -2.51 -11.33
CA TYR C 96 4.37 -2.91 -12.70
C TYR C 96 4.79 -1.83 -13.68
N ASN C 97 5.15 -2.25 -14.89
CA ASN C 97 5.43 -1.37 -16.02
C ASN C 97 5.14 -2.21 -17.23
N GLU C 98 4.15 -1.80 -18.00
CA GLU C 98 3.62 -2.57 -19.09
C GLU C 98 3.65 -1.83 -20.42
N LEU C 99 3.62 -2.61 -21.51
CA LEU C 99 3.54 -2.18 -22.90
C LEU C 99 2.24 -1.37 -23.06
N SER C 100 2.31 -0.24 -23.77
CA SER C 100 1.17 0.63 -23.95
C SER C 100 0.54 0.50 -25.32
N GLY C 101 -0.76 0.19 -25.36
CA GLY C 101 -1.52 0.16 -26.60
C GLY C 101 -1.81 1.54 -27.15
N ARG C 102 -1.67 2.58 -26.30
CA ARG C 102 -1.86 3.97 -26.72
C ARG C 102 -0.70 4.44 -27.57
N TYR C 103 0.52 3.97 -27.28
CA TYR C 103 1.71 4.44 -27.98
C TYR C 103 2.40 3.41 -28.89
N SER C 104 2.13 2.11 -28.70
CA SER C 104 2.77 1.09 -29.54
C SER C 104 1.82 0.53 -30.58
N LYS C 105 2.37 0.22 -31.77
CA LYS C 105 1.60 -0.46 -32.81
C LYS C 105 1.71 -1.92 -32.38
N LEU C 106 0.59 -2.51 -32.01
CA LEU C 106 0.56 -3.87 -31.49
C LEU C 106 0.82 -4.94 -32.54
N SER C 107 1.55 -5.98 -32.15
CA SER C 107 1.88 -7.12 -33.00
C SER C 107 0.72 -8.11 -33.09
N TYR C 108 0.75 -8.99 -34.11
CA TYR C 108 -0.24 -10.03 -34.29
C TYR C 108 0.12 -11.18 -33.37
N GLU C 109 -0.12 -11.00 -32.07
CA GLU C 109 0.18 -12.01 -31.06
C GLU C 109 -1.00 -12.16 -30.11
N PHE C 110 -1.75 -13.25 -30.27
CA PHE C 110 -2.93 -13.55 -29.46
C PHE C 110 -2.86 -14.97 -28.92
N TYR C 111 -3.49 -15.21 -27.76
CA TYR C 111 -3.54 -16.54 -27.17
C TYR C 111 -4.69 -17.30 -27.80
N ILE C 112 -4.35 -18.35 -28.55
CA ILE C 112 -5.38 -19.19 -29.15
C ILE C 112 -5.34 -20.47 -28.36
N PRO C 113 -6.42 -20.79 -27.64
CA PRO C 113 -6.42 -22.04 -26.87
C PRO C 113 -6.36 -23.25 -27.78
N SER C 114 -5.62 -24.27 -27.36
CA SER C 114 -5.49 -25.50 -28.14
C SER C 114 -6.76 -26.33 -27.88
N PRO C 115 -7.09 -27.30 -28.77
CA PRO C 115 -8.27 -28.15 -28.53
C PRO C 115 -8.26 -28.89 -27.19
N GLU C 116 -7.07 -29.14 -26.62
CA GLU C 116 -6.90 -29.79 -25.33
C GLU C 116 -7.40 -28.96 -24.14
N ARG C 117 -7.48 -27.63 -24.30
CA ARG C 117 -7.98 -26.74 -23.25
C ARG C 117 -9.49 -26.96 -22.99
N LEU C 118 -10.21 -27.40 -24.02
CA LEU C 118 -11.64 -27.64 -23.95
C LEU C 118 -12.00 -29.11 -23.75
N GLU C 119 -11.07 -30.04 -24.04
CA GLU C 119 -11.33 -31.47 -23.78
C GLU C 119 -11.46 -31.64 -22.26
N GLY C 120 -12.62 -32.12 -21.87
CA GLY C 120 -13.10 -32.21 -20.51
C GLY C 120 -14.47 -31.55 -20.34
N TYR C 121 -14.96 -30.89 -21.39
CA TYR C 121 -16.24 -30.21 -21.42
C TYR C 121 -17.02 -30.79 -22.58
N LYS C 122 -18.28 -31.16 -22.35
CA LYS C 122 -19.11 -31.69 -23.42
C LYS C 122 -19.52 -30.53 -24.32
N THR C 123 -18.92 -30.45 -25.52
CA THR C 123 -19.26 -29.37 -26.44
C THR C 123 -20.05 -29.89 -27.65
N THR C 124 -20.99 -29.08 -28.16
CA THR C 124 -21.78 -29.47 -29.33
C THR C 124 -20.98 -29.41 -30.65
N ILE C 125 -19.86 -28.68 -30.66
CA ILE C 125 -18.96 -28.61 -31.81
C ILE C 125 -17.57 -29.09 -31.35
N PRO C 126 -16.78 -29.72 -32.25
CA PRO C 126 -15.46 -30.23 -31.84
C PRO C 126 -14.54 -29.14 -31.30
N PRO C 127 -13.68 -29.47 -30.32
CA PRO C 127 -12.77 -28.46 -29.77
C PRO C 127 -11.91 -27.77 -30.82
N GLU C 128 -11.52 -28.50 -31.88
CA GLU C 128 -10.75 -27.98 -33.00
C GLU C 128 -11.50 -26.84 -33.70
N ARG C 129 -12.83 -26.95 -33.81
CA ARG C 129 -13.67 -25.92 -34.43
C ARG C 129 -13.76 -24.66 -33.52
N VAL C 130 -13.73 -24.85 -32.19
CA VAL C 130 -13.73 -23.73 -31.25
C VAL C 130 -12.43 -22.93 -31.42
N THR C 131 -11.30 -23.65 -31.56
CA THR C 131 -9.97 -23.08 -31.79
C THR C 131 -9.99 -22.22 -33.07
N GLU C 132 -10.63 -22.76 -34.14
CA GLU C 132 -10.77 -22.10 -35.43
C GLU C 132 -11.62 -20.85 -35.33
N LYS C 133 -12.77 -20.93 -34.65
CA LYS C 133 -13.67 -19.79 -34.48
C LYS C 133 -12.98 -18.65 -33.73
N ILE C 134 -12.22 -18.99 -32.68
CA ILE C 134 -11.46 -18.02 -31.90
C ILE C 134 -10.39 -17.36 -32.78
N SER C 135 -9.64 -18.17 -33.54
CA SER C 135 -8.62 -17.65 -34.44
C SER C 135 -9.19 -16.71 -35.50
N GLU C 136 -10.36 -17.07 -36.03
CA GLU C 136 -11.03 -16.32 -37.07
C GLU C 136 -11.45 -14.94 -36.59
N ILE C 137 -12.05 -14.86 -35.40
CA ILE C 137 -12.50 -13.59 -34.87
C ILE C 137 -11.29 -12.70 -34.49
N VAL C 138 -10.19 -13.28 -33.98
CA VAL C 138 -9.02 -12.45 -33.68
C VAL C 138 -8.40 -11.92 -34.99
N ASP C 139 -8.44 -12.71 -36.08
CA ASP C 139 -7.92 -12.30 -37.38
C ASP C 139 -8.72 -11.11 -37.91
N LYS C 140 -10.06 -11.19 -37.82
CA LYS C 140 -10.90 -10.10 -38.27
C LYS C 140 -10.66 -8.84 -37.43
N ALA C 141 -10.57 -8.99 -36.09
CA ALA C 141 -10.32 -7.84 -35.22
C ALA C 141 -8.97 -7.20 -35.49
N TYR C 142 -7.92 -8.01 -35.66
CA TYR C 142 -6.59 -7.47 -35.93
C TYR C 142 -6.54 -6.75 -37.26
N ARG C 143 -7.22 -7.29 -38.28
CA ARG C 143 -7.27 -6.66 -39.60
C ARG C 143 -7.97 -5.30 -39.51
N THR C 144 -9.08 -5.23 -38.77
CA THR C 144 -9.80 -3.97 -38.57
C THR C 144 -8.90 -2.94 -37.87
N TYR C 145 -8.15 -3.39 -36.87
CA TYR C 145 -7.22 -2.56 -36.12
C TYR C 145 -6.17 -1.94 -37.06
N LEU C 146 -5.55 -2.76 -37.93
CA LEU C 146 -4.56 -2.25 -38.88
C LEU C 146 -5.19 -1.27 -39.86
N GLU C 147 -6.42 -1.56 -40.32
CA GLU C 147 -7.14 -0.66 -41.23
C GLU C 147 -7.35 0.72 -40.60
N LEU C 148 -7.81 0.76 -39.34
CA LEU C 148 -8.05 2.01 -38.63
C LEU C 148 -6.74 2.77 -38.45
N ILE C 149 -5.65 2.06 -38.07
CA ILE C 149 -4.32 2.66 -37.91
C ILE C 149 -3.88 3.31 -39.23
N GLU C 150 -3.91 2.54 -40.35
CA GLU C 150 -3.55 3.00 -41.68
C GLU C 150 -4.40 4.18 -42.15
N SER C 151 -5.66 4.25 -41.70
CA SER C 151 -6.53 5.35 -42.07
C SER C 151 -6.36 6.63 -41.22
N GLY C 152 -5.44 6.63 -40.27
CA GLY C 152 -5.19 7.79 -39.43
C GLY C 152 -5.90 7.81 -38.08
N VAL C 153 -6.58 6.72 -37.71
CA VAL C 153 -7.24 6.65 -36.42
C VAL C 153 -6.17 6.51 -35.36
N PRO C 154 -6.16 7.37 -34.32
CA PRO C 154 -5.12 7.23 -33.27
C PRO C 154 -5.15 5.84 -32.64
N ARG C 155 -3.95 5.28 -32.40
CA ARG C 155 -3.73 3.96 -31.81
C ARG C 155 -4.61 3.66 -30.61
N GLU C 156 -4.72 4.62 -29.66
CA GLU C 156 -5.52 4.44 -28.45
C GLU C 156 -6.99 4.16 -28.69
N VAL C 157 -7.51 4.54 -29.88
CA VAL C 157 -8.90 4.31 -30.24
C VAL C 157 -8.98 3.04 -31.09
N ALA C 158 -8.08 2.91 -32.06
CA ALA C 158 -8.02 1.75 -32.95
C ALA C 158 -7.90 0.42 -32.23
N ARG C 159 -7.16 0.37 -31.12
CA ARG C 159 -6.95 -0.87 -30.36
C ARG C 159 -8.16 -1.36 -29.60
N ILE C 160 -9.23 -0.54 -29.45
CA ILE C 160 -10.37 -0.95 -28.63
C ILE C 160 -11.16 -2.14 -29.22
N VAL C 161 -10.95 -2.43 -30.52
CA VAL C 161 -11.57 -3.58 -31.15
C VAL C 161 -10.79 -4.88 -30.90
N LEU C 162 -9.57 -4.80 -30.33
CA LEU C 162 -8.74 -5.98 -30.12
C LEU C 162 -9.24 -6.84 -28.95
N PRO C 163 -9.29 -8.17 -29.14
CA PRO C 163 -9.86 -9.02 -28.08
C PRO C 163 -8.97 -9.22 -26.84
N LEU C 164 -9.59 -9.71 -25.76
CA LEU C 164 -8.92 -9.92 -24.46
C LEU C 164 -7.76 -10.92 -24.48
N ASN C 165 -7.62 -11.70 -25.57
CA ASN C 165 -6.53 -12.65 -25.67
C ASN C 165 -5.26 -12.03 -26.31
N LEU C 166 -5.26 -10.71 -26.56
CA LEU C 166 -4.10 -9.99 -27.08
C LEU C 166 -2.94 -10.10 -26.09
N TYR C 167 -1.74 -10.41 -26.56
CA TYR C 167 -0.58 -10.52 -25.68
C TYR C 167 -0.06 -9.15 -25.32
N THR C 168 0.30 -9.00 -24.04
CA THR C 168 0.94 -7.81 -23.52
C THR C 168 2.26 -8.21 -22.83
N ARG C 169 3.13 -7.24 -22.50
CA ARG C 169 4.39 -7.52 -21.81
C ARG C 169 4.52 -6.58 -20.63
N PHE C 170 5.03 -7.09 -19.52
CA PHE C 170 5.23 -6.25 -18.35
C PHE C 170 6.44 -6.67 -17.51
N PHE C 171 6.93 -5.73 -16.69
CA PHE C 171 7.94 -5.94 -15.67
C PHE C 171 7.20 -5.98 -14.34
N TRP C 172 7.50 -6.98 -13.51
CA TRP C 172 6.83 -7.15 -12.24
C TRP C 172 7.86 -7.21 -11.15
N THR C 173 7.89 -6.23 -10.24
CA THR C 173 8.82 -6.25 -9.11
C THR C 173 8.01 -6.57 -7.84
N VAL C 174 8.35 -7.67 -7.17
CA VAL C 174 7.55 -8.13 -6.04
C VAL C 174 8.43 -8.76 -4.96
N ASN C 175 8.10 -8.55 -3.69
CA ASN C 175 8.86 -9.19 -2.60
C ASN C 175 8.33 -10.61 -2.34
N ALA C 176 9.09 -11.44 -1.60
CA ALA C 176 8.69 -12.82 -1.36
C ALA C 176 7.38 -12.95 -0.58
N ARG C 177 7.04 -11.98 0.30
CA ARG C 177 5.77 -12.06 1.04
C ARG C 177 4.57 -11.92 0.10
N SER C 178 4.59 -10.90 -0.76
CA SER C 178 3.50 -10.68 -1.71
C SER C 178 3.48 -11.78 -2.80
N LEU C 179 4.66 -12.28 -3.18
CA LEU C 179 4.79 -13.38 -4.13
C LEU C 179 4.14 -14.65 -3.53
N MET C 180 4.33 -14.89 -2.23
CA MET C 180 3.71 -16.05 -1.59
C MET C 180 2.17 -15.92 -1.55
N ASN C 181 1.67 -14.68 -1.39
CA ASN C 181 0.22 -14.42 -1.46
C ASN C 181 -0.26 -14.72 -2.89
N PHE C 182 0.53 -14.33 -3.89
CA PHE C 182 0.23 -14.56 -5.30
C PHE C 182 0.15 -16.07 -5.56
N LEU C 183 1.09 -16.85 -5.00
CA LEU C 183 1.09 -18.30 -5.16
C LEU C 183 -0.09 -18.98 -4.46
N ASN C 184 -0.49 -18.50 -3.29
CA ASN C 184 -1.64 -19.05 -2.56
C ASN C 184 -2.91 -18.94 -3.41
N LEU C 185 -3.10 -17.79 -4.07
CA LEU C 185 -4.28 -17.47 -4.84
C LEU C 185 -4.26 -17.95 -6.29
N ARG C 186 -3.10 -17.89 -6.96
CA ARG C 186 -3.00 -18.22 -8.38
C ARG C 186 -2.48 -19.62 -8.66
N ALA C 187 -1.64 -20.18 -7.79
CA ALA C 187 -1.18 -21.56 -7.97
C ALA C 187 -2.20 -22.42 -7.22
N ASP C 188 -3.44 -22.39 -7.72
CA ASP C 188 -4.59 -23.06 -7.10
C ASP C 188 -5.65 -23.32 -8.15
N SER C 189 -6.35 -24.46 -8.05
CA SER C 189 -7.35 -24.87 -9.04
C SER C 189 -8.52 -23.90 -9.18
N HIS C 190 -8.76 -23.04 -8.17
CA HIS C 190 -9.85 -22.04 -8.29
C HIS C 190 -9.48 -20.91 -9.23
N ALA C 191 -8.18 -20.62 -9.40
CA ALA C 191 -7.75 -19.58 -10.31
C ALA C 191 -7.94 -20.08 -11.75
N GLN C 192 -8.03 -19.17 -12.73
CA GLN C 192 -8.21 -19.58 -14.12
C GLN C 192 -7.00 -20.38 -14.59
N TRP C 193 -7.21 -21.49 -15.33
CA TRP C 193 -6.13 -22.36 -15.78
C TRP C 193 -4.93 -21.61 -16.37
N GLU C 194 -5.19 -20.60 -17.19
CA GLU C 194 -4.16 -19.80 -17.84
C GLU C 194 -3.20 -19.10 -16.84
N ILE C 195 -3.74 -18.44 -15.79
CA ILE C 195 -2.86 -17.80 -14.80
C ILE C 195 -2.22 -18.85 -13.87
N GLN C 196 -2.80 -20.09 -13.74
CA GLN C 196 -2.16 -21.14 -12.92
C GLN C 196 -0.79 -21.50 -13.54
N GLN C 197 -0.73 -21.55 -14.88
CA GLN C 197 0.47 -21.87 -15.63
C GLN C 197 1.57 -20.85 -15.39
N TYR C 198 1.20 -19.56 -15.32
CA TYR C 198 2.14 -18.51 -14.99
C TYR C 198 2.60 -18.63 -13.53
N ALA C 199 1.67 -18.96 -12.62
CA ALA C 199 2.01 -19.12 -11.20
C ALA C 199 2.97 -20.30 -10.98
N LEU C 200 2.83 -21.38 -11.76
CA LEU C 200 3.75 -22.53 -11.65
C LEU C 200 5.16 -22.09 -12.04
N ALA C 201 5.29 -21.25 -13.07
CA ALA C 201 6.60 -20.75 -13.52
C ALA C 201 7.18 -19.82 -12.47
N ILE C 202 6.33 -18.99 -11.82
CA ILE C 202 6.78 -18.09 -10.74
C ILE C 202 7.30 -18.94 -9.57
N ALA C 203 6.59 -20.02 -9.24
CA ALA C 203 6.99 -20.93 -8.18
C ALA C 203 8.35 -21.60 -8.46
N ARG C 204 8.59 -22.02 -9.68
CA ARG C 204 9.85 -22.66 -10.09
C ARG C 204 11.06 -21.71 -9.87
N ILE C 205 10.97 -20.46 -10.36
CA ILE C 205 12.03 -19.46 -10.19
C ILE C 205 12.21 -19.14 -8.69
N PHE C 206 11.09 -18.96 -7.94
CA PHE C 206 11.12 -18.67 -6.50
C PHE C 206 11.79 -19.80 -5.75
N LYS C 207 11.53 -21.06 -6.13
CA LYS C 207 12.15 -22.23 -5.51
C LYS C 207 13.68 -22.25 -5.78
N GLU C 208 14.07 -21.93 -7.02
CA GLU C 208 15.48 -21.90 -7.43
C GLU C 208 16.28 -20.85 -6.65
N LYS C 209 15.69 -19.67 -6.41
CA LYS C 209 16.39 -18.59 -5.71
C LYS C 209 16.26 -18.65 -4.20
N CYS C 210 15.14 -19.18 -3.67
CA CYS C 210 14.91 -19.29 -2.22
C CYS C 210 14.41 -20.69 -1.86
N PRO C 211 15.27 -21.71 -1.97
CA PRO C 211 14.82 -23.09 -1.68
C PRO C 211 14.25 -23.31 -0.27
N TRP C 212 14.89 -22.76 0.76
CA TRP C 212 14.44 -22.94 2.14
C TRP C 212 13.10 -22.26 2.38
N THR C 213 12.93 -21.03 1.88
CA THR C 213 11.68 -20.30 2.03
C THR C 213 10.55 -21.01 1.29
N PHE C 214 10.79 -21.46 0.05
CA PHE C 214 9.77 -22.17 -0.73
C PHE C 214 9.38 -23.48 -0.07
N GLU C 215 10.35 -24.24 0.40
CA GLU C 215 10.09 -25.51 1.06
C GLU C 215 9.28 -25.29 2.36
N ALA C 216 9.66 -24.28 3.17
CA ALA C 216 8.94 -23.97 4.41
C ALA C 216 7.52 -23.46 4.13
N PHE C 217 7.37 -22.69 3.05
CA PHE C 217 6.09 -22.15 2.62
C PHE C 217 5.17 -23.32 2.23
N LEU C 218 5.62 -24.25 1.37
CA LEU C 218 4.82 -25.41 0.97
C LEU C 218 4.41 -26.24 2.18
N LYS C 219 5.33 -26.42 3.12
CA LYS C 219 5.16 -27.20 4.32
C LYS C 219 4.16 -26.62 5.33
N TYR C 220 4.22 -25.30 5.58
CA TYR C 220 3.41 -24.71 6.65
C TYR C 220 2.41 -23.62 6.31
N ALA C 221 2.60 -22.87 5.22
CA ALA C 221 1.73 -21.72 4.96
C ALA C 221 0.97 -21.74 3.66
N TYR C 222 1.43 -22.50 2.68
CA TYR C 222 0.79 -22.57 1.37
C TYR C 222 -0.67 -23.05 1.44
N LYS C 223 -1.58 -22.22 0.92
CA LYS C 223 -3.02 -22.46 0.96
C LYS C 223 -3.60 -23.08 -0.31
N GLY C 224 -2.88 -23.00 -1.42
CA GLY C 224 -3.35 -23.56 -2.68
C GLY C 224 -3.26 -25.08 -2.75
N ASP C 225 -3.57 -25.67 -3.92
CA ASP C 225 -3.54 -27.13 -4.04
C ASP C 225 -2.57 -27.69 -5.08
N ILE C 226 -2.36 -26.98 -6.21
CA ILE C 226 -1.53 -27.51 -7.29
C ILE C 226 -0.01 -27.60 -7.00
N LEU C 227 0.59 -26.76 -6.12
CA LEU C 227 2.04 -26.84 -5.87
C LEU C 227 2.47 -28.05 -5.07
N LYS C 228 1.55 -28.63 -4.29
CA LYS C 228 1.87 -29.85 -3.55
C LYS C 228 1.75 -31.11 -4.42
N GLU C 229 1.14 -31.01 -5.62
CA GLU C 229 0.96 -32.13 -6.53
C GLU C 229 1.94 -32.09 -7.69
N VAL C 230 2.27 -30.88 -8.17
CA VAL C 230 3.14 -30.69 -9.32
C VAL C 230 4.57 -30.37 -8.89
N GLN C 231 5.55 -31.14 -9.37
CA GLN C 231 6.97 -30.91 -9.07
C GLN C 231 7.50 -29.67 -9.81
N HIS D 12 -28.66 8.36 -5.09
CA HIS D 12 -27.19 8.37 -5.17
C HIS D 12 -26.75 9.16 -6.39
N MET D 13 -25.84 10.17 -6.22
CA MET D 13 -25.33 11.00 -7.34
C MET D 13 -24.81 10.14 -8.46
N LYS D 14 -25.44 10.22 -9.62
CA LYS D 14 -25.06 9.40 -10.74
C LYS D 14 -24.80 10.22 -11.97
N ILE D 15 -23.61 10.07 -12.56
CA ILE D 15 -23.25 10.84 -13.74
C ILE D 15 -22.99 9.89 -14.90
N ASP D 16 -23.69 10.08 -16.02
CA ASP D 16 -23.50 9.23 -17.19
C ASP D 16 -22.26 9.68 -17.94
N ILE D 17 -21.44 8.72 -18.33
CA ILE D 17 -20.19 8.91 -19.04
C ILE D 17 -20.16 8.02 -20.28
N LEU D 18 -19.61 8.54 -21.38
CA LEU D 18 -19.58 7.83 -22.66
C LEU D 18 -21.01 7.42 -23.11
N ASP D 19 -21.16 6.43 -23.98
CA ASP D 19 -22.47 6.01 -24.44
C ASP D 19 -23.26 5.22 -23.41
N LYS D 20 -22.61 4.36 -22.59
CA LYS D 20 -23.37 3.55 -21.63
C LYS D 20 -22.78 3.48 -20.22
N GLY D 21 -21.70 4.21 -19.98
CA GLY D 21 -21.00 4.17 -18.71
C GLY D 21 -21.52 5.14 -17.67
N PHE D 22 -21.06 5.00 -16.44
CA PHE D 22 -21.45 5.89 -15.36
C PHE D 22 -20.48 5.84 -14.19
N VAL D 23 -20.57 6.88 -13.32
CA VAL D 23 -19.89 7.01 -12.06
C VAL D 23 -21.02 7.32 -11.08
N GLU D 24 -21.17 6.50 -10.05
CA GLU D 24 -22.23 6.68 -9.08
C GLU D 24 -21.64 6.69 -7.67
N LEU D 25 -21.98 7.67 -6.83
CA LEU D 25 -21.50 7.70 -5.46
C LEU D 25 -22.36 6.76 -4.63
N VAL D 26 -21.74 5.77 -4.01
CA VAL D 26 -22.43 4.78 -3.19
C VAL D 26 -22.40 5.18 -1.72
N ASP D 27 -21.25 5.63 -1.24
CA ASP D 27 -21.10 6.00 0.17
C ASP D 27 -19.90 6.93 0.38
N VAL D 28 -19.86 7.60 1.53
CA VAL D 28 -18.78 8.52 1.88
C VAL D 28 -18.60 8.55 3.39
N MET D 29 -17.36 8.66 3.85
CA MET D 29 -17.06 8.81 5.25
C MET D 29 -16.33 10.12 5.42
N GLY D 30 -16.87 10.96 6.28
CA GLY D 30 -16.26 12.23 6.58
C GLY D 30 -16.55 13.34 5.60
N ASN D 31 -15.93 14.50 5.84
CA ASN D 31 -16.07 15.70 5.02
C ASN D 31 -14.81 16.58 5.25
N ASP D 32 -14.82 17.86 4.84
CA ASP D 32 -13.68 18.75 5.05
C ASP D 32 -13.18 18.79 6.51
N LEU D 33 -14.12 18.72 7.48
CA LEU D 33 -13.78 18.77 8.90
C LEU D 33 -13.03 17.52 9.39
N SER D 34 -13.13 16.40 8.67
CA SER D 34 -12.37 15.20 9.02
C SER D 34 -10.86 15.47 8.87
N ALA D 35 -10.49 16.17 7.78
CA ALA D 35 -9.11 16.53 7.53
C ALA D 35 -8.63 17.56 8.56
N VAL D 36 -9.47 18.54 8.90
CA VAL D 36 -9.15 19.59 9.89
C VAL D 36 -8.84 18.93 11.23
N ARG D 37 -9.69 18.01 11.64
CA ARG D 37 -9.58 17.28 12.89
C ARG D 37 -8.27 16.49 12.96
N ALA D 38 -7.96 15.75 11.90
CA ALA D 38 -6.74 14.95 11.80
C ALA D 38 -5.50 15.82 11.79
N ALA D 39 -5.56 17.00 11.16
CA ALA D 39 -4.41 17.90 11.15
C ALA D 39 -4.19 18.54 12.53
N ARG D 40 -5.28 18.92 13.20
CA ARG D 40 -5.19 19.60 14.48
C ARG D 40 -4.64 18.75 15.62
N VAL D 41 -4.72 17.39 15.55
CA VAL D 41 -4.15 16.57 16.62
C VAL D 41 -2.67 16.82 16.84
N SER D 42 -1.94 17.22 15.77
CA SER D 42 -0.53 17.58 15.86
C SER D 42 -0.27 18.63 16.95
N PHE D 43 -1.20 19.60 17.09
CA PHE D 43 -1.10 20.69 18.07
C PHE D 43 -1.97 20.48 19.31
N ASP D 44 -2.42 19.23 19.56
CA ASP D 44 -3.31 18.86 20.68
C ASP D 44 -4.62 19.65 20.62
N MET D 45 -5.11 19.94 19.39
CA MET D 45 -6.33 20.71 19.17
C MET D 45 -7.37 19.91 18.35
N GLY D 46 -8.58 20.46 18.27
CA GLY D 46 -9.68 19.91 17.48
C GLY D 46 -10.20 20.97 16.54
N LEU D 47 -11.53 21.02 16.35
CA LEU D 47 -12.12 22.05 15.49
C LEU D 47 -12.11 23.43 16.19
N LYS D 48 -12.21 24.48 15.39
CA LYS D 48 -12.25 25.84 15.92
C LYS D 48 -13.50 26.55 15.33
N ASP D 49 -13.40 27.22 14.18
CA ASP D 49 -14.54 27.85 13.51
C ASP D 49 -14.36 27.77 11.98
N GLU D 50 -15.46 27.88 11.21
CA GLU D 50 -15.44 27.80 9.74
C GLU D 50 -14.29 28.56 9.06
N GLU D 51 -14.02 29.81 9.45
CA GLU D 51 -12.96 30.59 8.81
C GLU D 51 -11.58 30.02 9.09
N ARG D 52 -11.30 29.66 10.34
CA ARG D 52 -10.00 29.12 10.72
C ARG D 52 -9.80 27.68 10.19
N ASP D 53 -10.87 26.87 10.18
CA ASP D 53 -10.83 25.50 9.71
C ASP D 53 -10.69 25.42 8.19
N ARG D 54 -11.33 26.34 7.44
CA ARG D 54 -11.17 26.37 5.99
C ARG D 54 -9.77 26.91 5.63
N HIS D 55 -9.24 27.87 6.43
CA HIS D 55 -7.90 28.41 6.25
C HIS D 55 -6.85 27.30 6.47
N LEU D 56 -7.09 26.41 7.45
CA LEU D 56 -6.22 25.29 7.72
C LEU D 56 -6.18 24.33 6.51
N ILE D 57 -7.33 24.04 5.89
CA ILE D 57 -7.40 23.18 4.68
C ILE D 57 -6.50 23.74 3.58
N GLU D 58 -6.58 25.05 3.35
CA GLU D 58 -5.77 25.74 2.35
C GLU D 58 -4.29 25.67 2.70
N TYR D 59 -3.95 25.85 3.98
CA TYR D 59 -2.58 25.78 4.48
C TYR D 59 -1.98 24.39 4.21
N LEU D 60 -2.73 23.30 4.56
CA LEU D 60 -2.31 21.92 4.35
C LEU D 60 -2.05 21.63 2.87
N MET D 61 -2.94 22.11 1.98
CA MET D 61 -2.80 21.90 0.53
C MET D 61 -1.60 22.68 -0.04
N LYS D 62 -1.39 23.91 0.42
CA LYS D 62 -0.30 24.78 -0.01
C LYS D 62 1.08 24.24 0.39
N HIS D 63 1.19 23.63 1.58
CA HIS D 63 2.48 23.13 2.05
C HIS D 63 2.70 21.63 1.90
N GLY D 64 1.82 20.94 1.20
CA GLY D 64 1.96 19.50 0.97
C GLY D 64 1.74 18.61 2.17
N HIS D 65 0.86 19.02 3.10
CA HIS D 65 0.50 18.20 4.24
C HIS D 65 -0.68 17.36 3.74
N GLU D 66 -0.40 16.16 3.21
CA GLU D 66 -1.43 15.34 2.56
C GLU D 66 -2.12 14.31 3.42
N THR D 67 -1.42 13.74 4.41
CA THR D 67 -1.98 12.69 5.24
C THR D 67 -3.35 13.03 5.89
N PRO D 68 -3.68 14.26 6.38
CA PRO D 68 -5.01 14.48 6.97
C PRO D 68 -6.16 14.19 6.02
N PHE D 69 -5.90 14.28 4.71
CA PHE D 69 -6.91 14.04 3.69
C PHE D 69 -7.22 12.54 3.50
N GLU D 70 -6.38 11.63 4.01
CA GLU D 70 -6.62 10.20 3.93
C GLU D 70 -7.83 9.75 4.79
N HIS D 71 -8.31 10.60 5.71
CA HIS D 71 -9.42 10.26 6.59
C HIS D 71 -10.81 10.52 5.98
N ILE D 72 -10.87 10.99 4.73
CA ILE D 72 -12.11 11.17 3.98
C ILE D 72 -12.10 10.00 2.98
N VAL D 73 -13.14 9.15 2.99
CA VAL D 73 -13.16 7.96 2.12
C VAL D 73 -14.42 7.94 1.26
N PHE D 74 -14.31 7.50 0.01
CA PHE D 74 -15.45 7.42 -0.90
C PHE D 74 -15.61 6.02 -1.43
N THR D 75 -16.85 5.63 -1.74
CA THR D 75 -17.10 4.39 -2.45
C THR D 75 -17.90 4.74 -3.69
N PHE D 76 -17.40 4.38 -4.86
CA PHE D 76 -18.07 4.62 -6.13
C PHE D 76 -18.48 3.31 -6.78
N HIS D 77 -19.49 3.39 -7.69
CA HIS D 77 -19.98 2.27 -8.48
C HIS D 77 -19.79 2.77 -9.92
N VAL D 78 -18.86 2.16 -10.66
CA VAL D 78 -18.49 2.62 -11.98
C VAL D 78 -18.76 1.58 -13.06
N LYS D 79 -19.27 2.02 -14.21
CA LYS D 79 -19.48 1.15 -15.36
C LYS D 79 -18.60 1.74 -16.44
N ALA D 80 -17.61 0.98 -16.92
CA ALA D 80 -16.63 1.51 -17.85
C ALA D 80 -16.10 0.46 -18.83
N PRO D 81 -15.60 0.86 -20.01
CA PRO D 81 -15.01 -0.14 -20.92
C PRO D 81 -13.73 -0.71 -20.30
N ILE D 82 -13.43 -1.98 -20.61
CA ILE D 82 -12.26 -2.66 -20.05
C ILE D 82 -10.94 -1.89 -20.29
N PHE D 83 -10.74 -1.22 -21.46
CA PHE D 83 -9.49 -0.46 -21.66
C PHE D 83 -9.37 0.72 -20.69
N VAL D 84 -10.51 1.28 -20.23
CA VAL D 84 -10.50 2.36 -19.24
C VAL D 84 -10.23 1.74 -17.84
N ALA D 85 -10.92 0.63 -17.52
CA ALA D 85 -10.72 -0.07 -16.25
C ALA D 85 -9.26 -0.54 -16.08
N ARG D 86 -8.57 -0.94 -17.17
CA ARG D 86 -7.17 -1.35 -17.05
C ARG D 86 -6.29 -0.20 -16.62
N GLN D 87 -6.56 1.01 -17.11
CA GLN D 87 -5.80 2.18 -16.71
C GLN D 87 -6.15 2.57 -15.26
N TRP D 88 -7.44 2.48 -14.91
CA TRP D 88 -7.98 2.80 -13.59
C TRP D 88 -7.41 1.87 -12.50
N PHE D 89 -7.42 0.57 -12.75
CA PHE D 89 -6.98 -0.43 -11.78
C PHE D 89 -5.47 -0.39 -11.50
N ARG D 90 -4.71 0.44 -12.25
CA ARG D 90 -3.30 0.66 -11.94
C ARG D 90 -3.13 1.48 -10.64
N HIS D 91 -4.21 2.16 -10.17
CA HIS D 91 -4.14 2.92 -8.93
C HIS D 91 -4.30 1.92 -7.78
N ARG D 92 -3.17 1.45 -7.26
CA ARG D 92 -3.06 0.43 -6.22
C ARG D 92 -3.54 0.86 -4.85
N ILE D 93 -3.41 2.14 -4.51
CA ILE D 93 -3.83 2.63 -3.19
C ILE D 93 -5.34 2.90 -3.19
N ALA D 94 -6.12 1.81 -3.23
CA ALA D 94 -7.59 1.82 -3.37
C ALA D 94 -8.11 0.35 -3.28
N SER D 95 -9.45 0.18 -3.17
CA SER D 95 -10.08 -1.12 -3.10
C SER D 95 -11.00 -1.30 -4.30
N TYR D 96 -11.01 -2.51 -4.89
CA TYR D 96 -11.81 -2.79 -6.06
C TYR D 96 -12.58 -4.09 -5.88
N ASN D 97 -13.73 -4.18 -6.53
CA ASN D 97 -14.51 -5.41 -6.65
C ASN D 97 -15.26 -5.27 -7.97
N GLU D 98 -14.97 -6.14 -8.91
CA GLU D 98 -15.47 -6.04 -10.25
C GLU D 98 -16.25 -7.28 -10.71
N LEU D 99 -17.12 -7.07 -11.72
CA LEU D 99 -17.90 -8.08 -12.43
C LEU D 99 -16.91 -9.10 -13.02
N SER D 100 -17.23 -10.39 -12.90
CA SER D 100 -16.36 -11.45 -13.38
C SER D 100 -16.83 -12.05 -14.69
N GLY D 101 -15.97 -12.02 -15.69
CA GLY D 101 -16.25 -12.66 -16.97
C GLY D 101 -16.13 -14.17 -16.90
N ARG D 102 -15.50 -14.69 -15.84
CA ARG D 102 -15.38 -16.13 -15.62
C ARG D 102 -16.71 -16.70 -15.16
N TYR D 103 -17.49 -15.95 -14.37
CA TYR D 103 -18.73 -16.46 -13.80
C TYR D 103 -20.01 -15.82 -14.35
N SER D 104 -19.93 -14.64 -14.99
CA SER D 104 -21.15 -14.00 -15.52
C SER D 104 -21.26 -14.12 -17.01
N LYS D 105 -22.50 -14.24 -17.49
CA LYS D 105 -22.75 -14.23 -18.94
C LYS D 105 -22.82 -12.75 -19.23
N LEU D 106 -21.87 -12.25 -20.01
CA LEU D 106 -21.77 -10.83 -20.31
C LEU D 106 -22.84 -10.31 -21.26
N SER D 107 -23.30 -9.08 -20.99
CA SER D 107 -24.33 -8.40 -21.77
C SER D 107 -23.75 -7.77 -23.04
N TYR D 108 -24.63 -7.44 -24.01
CA TYR D 108 -24.25 -6.78 -25.25
C TYR D 108 -24.10 -5.29 -24.94
N GLU D 109 -23.00 -4.93 -24.27
CA GLU D 109 -22.75 -3.55 -23.90
C GLU D 109 -21.31 -3.20 -24.18
N PHE D 110 -21.10 -2.41 -25.23
CA PHE D 110 -19.78 -2.02 -25.69
C PHE D 110 -19.71 -0.53 -25.92
N TYR D 111 -18.51 0.04 -25.78
CA TYR D 111 -18.32 1.46 -26.03
C TYR D 111 -18.08 1.67 -27.51
N ILE D 112 -19.02 2.34 -28.17
CA ILE D 112 -18.85 2.67 -29.57
C ILE D 112 -18.58 4.16 -29.61
N PRO D 113 -17.39 4.57 -30.04
CA PRO D 113 -17.09 6.01 -30.09
C PRO D 113 -17.98 6.72 -31.09
N SER D 114 -18.35 7.95 -30.78
CA SER D 114 -19.14 8.77 -31.70
C SER D 114 -18.19 9.33 -32.76
N PRO D 115 -18.69 9.77 -33.94
CA PRO D 115 -17.78 10.35 -34.94
C PRO D 115 -16.98 11.55 -34.41
N GLU D 116 -17.54 12.30 -33.45
CA GLU D 116 -16.88 13.45 -32.83
C GLU D 116 -15.58 13.11 -32.09
N ARG D 117 -15.43 11.84 -31.67
CA ARG D 117 -14.21 11.37 -30.98
C ARG D 117 -12.97 11.50 -31.89
N LEU D 118 -13.17 11.42 -33.21
CA LEU D 118 -12.07 11.53 -34.16
C LEU D 118 -11.85 12.93 -34.72
N GLU D 119 -12.44 13.96 -34.10
CA GLU D 119 -12.26 15.33 -34.54
C GLU D 119 -10.85 15.79 -34.21
N GLY D 120 -10.23 16.49 -35.15
CA GLY D 120 -8.85 16.93 -34.96
C GLY D 120 -7.84 15.97 -35.53
N TYR D 121 -8.30 14.86 -36.13
CA TYR D 121 -7.42 13.86 -36.72
C TYR D 121 -7.77 13.73 -38.17
N LYS D 122 -6.79 13.88 -39.07
CA LYS D 122 -7.04 13.76 -40.49
C LYS D 122 -7.14 12.29 -40.80
N THR D 123 -8.35 11.80 -41.09
CA THR D 123 -8.54 10.38 -41.41
C THR D 123 -8.84 10.17 -42.90
N THR D 124 -8.34 9.07 -43.47
CA THR D 124 -8.58 8.73 -44.89
C THR D 124 -10.02 8.22 -45.12
N ILE D 125 -10.70 7.75 -44.07
CA ILE D 125 -12.10 7.33 -44.13
C ILE D 125 -12.90 8.20 -43.17
N PRO D 126 -14.18 8.50 -43.49
CA PRO D 126 -14.97 9.37 -42.60
C PRO D 126 -15.09 8.83 -41.18
N PRO D 127 -15.15 9.71 -40.17
CA PRO D 127 -15.30 9.23 -38.78
C PRO D 127 -16.51 8.33 -38.57
N GLU D 128 -17.61 8.57 -39.32
CA GLU D 128 -18.83 7.76 -39.28
C GLU D 128 -18.53 6.31 -39.69
N ARG D 129 -17.63 6.11 -40.65
CA ARG D 129 -17.23 4.78 -41.11
C ARG D 129 -16.37 4.06 -40.05
N VAL D 130 -15.56 4.81 -39.30
CA VAL D 130 -14.75 4.25 -38.21
C VAL D 130 -15.69 3.71 -37.13
N THR D 131 -16.74 4.48 -36.81
CA THR D 131 -17.78 4.12 -35.83
C THR D 131 -18.45 2.81 -36.26
N GLU D 132 -18.77 2.70 -37.57
CA GLU D 132 -19.39 1.52 -38.16
C GLU D 132 -18.47 0.32 -38.11
N LYS D 133 -17.19 0.48 -38.46
CA LYS D 133 -16.22 -0.62 -38.45
C LYS D 133 -16.05 -1.17 -37.02
N ILE D 134 -16.01 -0.28 -36.04
CA ILE D 134 -15.91 -0.66 -34.63
C ILE D 134 -17.16 -1.43 -34.20
N SER D 135 -18.35 -0.93 -34.55
CA SER D 135 -19.63 -1.60 -34.24
C SER D 135 -19.69 -2.99 -34.87
N GLU D 136 -19.22 -3.11 -36.10
CA GLU D 136 -19.25 -4.34 -36.87
C GLU D 136 -18.42 -5.43 -36.21
N ILE D 137 -17.19 -5.08 -35.80
CA ILE D 137 -16.31 -6.05 -35.20
C ILE D 137 -16.82 -6.47 -33.81
N VAL D 138 -17.45 -5.54 -33.04
CA VAL D 138 -18.01 -5.93 -31.74
C VAL D 138 -19.21 -6.85 -31.91
N ASP D 139 -20.00 -6.65 -32.97
CA ASP D 139 -21.16 -7.47 -33.26
C ASP D 139 -20.70 -8.90 -33.59
N LYS D 140 -19.68 -9.04 -34.44
CA LYS D 140 -19.13 -10.34 -34.80
C LYS D 140 -18.54 -11.04 -33.57
N ALA D 141 -17.76 -10.31 -32.76
CA ALA D 141 -17.14 -10.91 -31.57
C ALA D 141 -18.19 -11.34 -30.56
N TYR D 142 -19.20 -10.50 -30.31
CA TYR D 142 -20.25 -10.85 -29.35
C TYR D 142 -21.04 -12.07 -29.81
N ARG D 143 -21.33 -12.16 -31.12
CA ARG D 143 -22.05 -13.29 -31.67
C ARG D 143 -21.24 -14.58 -31.50
N THR D 144 -19.93 -14.53 -31.76
CA THR D 144 -19.05 -15.68 -31.58
C THR D 144 -19.03 -16.11 -30.10
N TYR D 145 -18.97 -15.13 -29.20
CA TYR D 145 -18.99 -15.37 -27.75
C TYR D 145 -20.26 -16.15 -27.34
N LEU D 146 -21.45 -15.70 -27.82
CA LEU D 146 -22.68 -16.39 -27.49
C LEU D 146 -22.69 -17.80 -28.08
N GLU D 147 -22.18 -17.98 -29.29
CA GLU D 147 -22.13 -19.31 -29.91
C GLU D 147 -21.21 -20.29 -29.12
N LEU D 148 -20.07 -19.80 -28.62
CA LEU D 148 -19.19 -20.64 -27.82
C LEU D 148 -19.86 -21.00 -26.51
N ILE D 149 -20.53 -20.03 -25.85
CA ILE D 149 -21.30 -20.27 -24.62
C ILE D 149 -22.36 -21.35 -24.85
N GLU D 150 -23.21 -21.17 -25.88
CA GLU D 150 -24.28 -22.10 -26.27
C GLU D 150 -23.74 -23.49 -26.62
N SER D 151 -22.50 -23.56 -27.12
CA SER D 151 -21.92 -24.86 -27.47
C SER D 151 -21.23 -25.56 -26.28
N GLY D 152 -21.29 -24.98 -25.08
CA GLY D 152 -20.68 -25.60 -23.91
C GLY D 152 -19.28 -25.15 -23.54
N VAL D 153 -18.76 -24.12 -24.23
CA VAL D 153 -17.43 -23.62 -23.94
C VAL D 153 -17.52 -22.85 -22.64
N PRO D 154 -16.68 -23.16 -21.64
CA PRO D 154 -16.77 -22.41 -20.37
C PRO D 154 -16.60 -20.90 -20.58
N ARG D 155 -17.41 -20.10 -19.89
CA ARG D 155 -17.42 -18.64 -19.97
C ARG D 155 -16.04 -18.02 -19.95
N GLU D 156 -15.15 -18.46 -19.05
CA GLU D 156 -13.79 -17.92 -18.89
C GLU D 156 -12.94 -18.02 -20.15
N VAL D 157 -13.29 -18.92 -21.07
CA VAL D 157 -12.57 -19.06 -22.32
C VAL D 157 -13.35 -18.34 -23.41
N ALA D 158 -14.66 -18.54 -23.46
CA ALA D 158 -15.50 -17.90 -24.47
C ALA D 158 -15.36 -16.38 -24.51
N ARG D 159 -15.17 -15.74 -23.34
CA ARG D 159 -15.04 -14.29 -23.29
C ARG D 159 -13.75 -13.73 -23.87
N ILE D 160 -12.73 -14.59 -24.14
CA ILE D 160 -11.43 -14.06 -24.60
C ILE D 160 -11.49 -13.43 -25.98
N VAL D 161 -12.55 -13.71 -26.76
CA VAL D 161 -12.75 -13.11 -28.08
C VAL D 161 -13.39 -11.72 -27.97
N LEU D 162 -13.89 -11.31 -26.80
CA LEU D 162 -14.55 -10.03 -26.65
C LEU D 162 -13.57 -8.85 -26.66
N PRO D 163 -13.91 -7.79 -27.38
CA PRO D 163 -12.96 -6.66 -27.51
C PRO D 163 -12.81 -5.80 -26.26
N LEU D 164 -11.72 -5.00 -26.23
CA LEU D 164 -11.38 -4.12 -25.12
C LEU D 164 -12.42 -3.06 -24.80
N ASN D 165 -13.38 -2.81 -25.70
CA ASN D 165 -14.43 -1.83 -25.43
C ASN D 165 -15.65 -2.43 -24.70
N LEU D 166 -15.58 -3.71 -24.28
CA LEU D 166 -16.63 -4.37 -23.50
C LEU D 166 -16.81 -3.63 -22.19
N TYR D 167 -18.05 -3.36 -21.81
CA TYR D 167 -18.31 -2.67 -20.54
C TYR D 167 -18.18 -3.62 -19.37
N THR D 168 -17.57 -3.16 -18.30
CA THR D 168 -17.46 -3.87 -17.05
C THR D 168 -18.02 -2.99 -15.92
N ARG D 169 -18.24 -3.54 -14.73
CA ARG D 169 -18.76 -2.76 -13.59
C ARG D 169 -17.91 -3.05 -12.39
N PHE D 170 -17.65 -2.03 -11.57
CA PHE D 170 -16.86 -2.24 -10.37
C PHE D 170 -17.15 -1.23 -9.26
N PHE D 171 -16.86 -1.64 -8.02
CA PHE D 171 -16.94 -0.80 -6.84
C PHE D 171 -15.52 -0.30 -6.57
N TRP D 172 -15.36 0.99 -6.27
CA TRP D 172 -14.06 1.57 -6.02
C TRP D 172 -14.09 2.30 -4.71
N THR D 173 -13.33 1.83 -3.70
CA THR D 173 -13.25 2.53 -2.42
C THR D 173 -11.89 3.21 -2.34
N VAL D 174 -11.88 4.55 -2.20
CA VAL D 174 -10.63 5.31 -2.24
C VAL D 174 -10.67 6.50 -1.29
N ASN D 175 -9.54 6.84 -0.63
CA ASN D 175 -9.51 8.01 0.24
C ASN D 175 -9.23 9.29 -0.58
N ALA D 176 -9.45 10.48 0.00
CA ALA D 176 -9.27 11.73 -0.73
C ALA D 176 -7.83 11.97 -1.20
N ARG D 177 -6.82 11.46 -0.47
CA ARG D 177 -5.42 11.65 -0.90
C ARG D 177 -5.12 10.88 -2.20
N SER D 178 -5.52 9.60 -2.25
CA SER D 178 -5.33 8.76 -3.44
C SER D 178 -6.24 9.23 -4.58
N LEU D 179 -7.45 9.72 -4.25
CA LEU D 179 -8.38 10.27 -5.23
C LEU D 179 -7.77 11.53 -5.87
N MET D 180 -7.10 12.37 -5.06
CA MET D 180 -6.45 13.57 -5.59
C MET D 180 -5.28 13.21 -6.52
N ASN D 181 -4.57 12.10 -6.23
CA ASN D 181 -3.51 11.58 -7.10
C ASN D 181 -4.15 11.11 -8.41
N PHE D 182 -5.31 10.45 -8.32
CA PHE D 182 -6.06 9.98 -9.48
C PHE D 182 -6.47 11.18 -10.34
N LEU D 183 -6.94 12.27 -9.73
CA LEU D 183 -7.33 13.47 -10.47
C LEU D 183 -6.14 14.18 -11.12
N ASN D 184 -4.98 14.21 -10.46
CA ASN D 184 -3.77 14.81 -11.03
C ASN D 184 -3.37 14.11 -12.33
N LEU D 185 -3.46 12.76 -12.34
CA LEU D 185 -3.07 11.93 -13.46
C LEU D 185 -4.13 11.69 -14.52
N ARG D 186 -5.40 11.55 -14.13
CA ARG D 186 -6.47 11.22 -15.07
C ARG D 186 -7.32 12.42 -15.51
N ALA D 187 -7.45 13.46 -14.67
CA ALA D 187 -8.15 14.67 -15.09
C ALA D 187 -7.08 15.58 -15.69
N ASP D 188 -6.48 15.10 -16.78
CA ASP D 188 -5.37 15.75 -17.46
C ASP D 188 -5.33 15.33 -18.92
N SER D 189 -4.98 16.25 -19.82
CA SER D 189 -4.96 15.99 -21.26
C SER D 189 -4.02 14.86 -21.70
N HIS D 190 -3.01 14.51 -20.87
CA HIS D 190 -2.12 13.39 -21.20
C HIS D 190 -2.80 12.05 -21.03
N ALA D 191 -3.79 11.95 -20.15
CA ALA D 191 -4.55 10.71 -19.98
C ALA D 191 -5.44 10.49 -21.19
N GLN D 192 -5.86 9.25 -21.45
CA GLN D 192 -6.74 8.96 -22.59
C GLN D 192 -8.08 9.66 -22.39
N TRP D 193 -8.63 10.29 -23.44
CA TRP D 193 -9.87 11.06 -23.38
C TRP D 193 -11.00 10.35 -22.63
N GLU D 194 -11.17 9.06 -22.88
CA GLU D 194 -12.19 8.26 -22.24
C GLU D 194 -12.09 8.26 -20.71
N ILE D 195 -10.86 8.11 -20.15
CA ILE D 195 -10.73 8.12 -18.69
C ILE D 195 -10.78 9.57 -18.15
N GLN D 196 -10.47 10.61 -18.98
CA GLN D 196 -10.64 12.00 -18.57
C GLN D 196 -12.14 12.28 -18.24
N GLN D 197 -13.05 11.67 -19.02
CA GLN D 197 -14.48 11.82 -18.82
C GLN D 197 -14.94 11.22 -17.49
N TYR D 198 -14.33 10.10 -17.09
CA TYR D 198 -14.62 9.50 -15.79
C TYR D 198 -14.02 10.34 -14.67
N ALA D 199 -12.82 10.88 -14.87
CA ALA D 199 -12.15 11.70 -13.84
C ALA D 199 -12.91 13.01 -13.60
N LEU D 200 -13.54 13.59 -14.64
CA LEU D 200 -14.34 14.79 -14.46
C LEU D 200 -15.55 14.50 -13.56
N ALA D 201 -16.17 13.33 -13.73
CA ALA D 201 -17.32 12.92 -12.91
C ALA D 201 -16.87 12.66 -11.47
N ILE D 202 -15.67 12.07 -11.27
CA ILE D 202 -15.11 11.84 -9.94
C ILE D 202 -14.88 13.20 -9.26
N ALA D 203 -14.36 14.18 -10.02
CA ALA D 203 -14.09 15.52 -9.52
C ALA D 203 -15.37 16.22 -9.06
N ARG D 204 -16.49 16.09 -9.81
CA ARG D 204 -17.77 16.70 -9.46
C ARG D 204 -18.31 16.15 -8.14
N ILE D 205 -18.33 14.83 -7.99
CA ILE D 205 -18.78 14.22 -6.73
C ILE D 205 -17.86 14.64 -5.56
N PHE D 206 -16.53 14.70 -5.79
CA PHE D 206 -15.54 15.13 -4.79
C PHE D 206 -15.81 16.59 -4.37
N LYS D 207 -16.06 17.49 -5.34
CA LYS D 207 -16.36 18.89 -5.11
C LYS D 207 -17.64 19.04 -4.28
N GLU D 208 -18.65 18.21 -4.57
CA GLU D 208 -19.94 18.24 -3.87
C GLU D 208 -19.81 17.81 -2.42
N LYS D 209 -18.99 16.80 -2.14
CA LYS D 209 -18.84 16.29 -0.78
C LYS D 209 -17.78 17.01 0.05
N CYS D 210 -16.72 17.50 -0.60
CA CYS D 210 -15.64 18.21 0.09
C CYS D 210 -15.33 19.52 -0.63
N PRO D 211 -16.21 20.51 -0.57
CA PRO D 211 -15.96 21.77 -1.30
C PRO D 211 -14.69 22.50 -0.93
N TRP D 212 -14.33 22.59 0.36
CA TRP D 212 -13.12 23.28 0.78
C TRP D 212 -11.87 22.56 0.30
N THR D 213 -11.83 21.22 0.43
CA THR D 213 -10.68 20.44 0.01
C THR D 213 -10.53 20.52 -1.49
N PHE D 214 -11.65 20.39 -2.24
CA PHE D 214 -11.59 20.46 -3.71
C PHE D 214 -11.10 21.83 -4.19
N GLU D 215 -11.62 22.91 -3.61
CA GLU D 215 -11.24 24.27 -3.96
C GLU D 215 -9.78 24.52 -3.66
N ALA D 216 -9.33 24.08 -2.49
CA ALA D 216 -7.93 24.26 -2.11
C ALA D 216 -7.01 23.41 -2.98
N PHE D 217 -7.44 22.21 -3.35
CA PHE D 217 -6.70 21.30 -4.21
C PHE D 217 -6.48 21.97 -5.56
N LEU D 218 -7.55 22.49 -6.20
CA LEU D 218 -7.43 23.17 -7.49
C LEU D 218 -6.49 24.36 -7.41
N LYS D 219 -6.61 25.12 -6.33
CA LYS D 219 -5.84 26.32 -6.09
C LYS D 219 -4.35 26.10 -5.85
N TYR D 220 -3.96 25.09 -5.04
CA TYR D 220 -2.56 24.92 -4.68
C TYR D 220 -1.86 23.62 -5.07
N ALA D 221 -2.57 22.49 -5.17
CA ALA D 221 -1.87 21.20 -5.38
C ALA D 221 -2.16 20.47 -6.67
N TYR D 222 -3.27 20.78 -7.34
CA TYR D 222 -3.67 20.12 -8.58
C TYR D 222 -2.64 20.31 -9.70
N LYS D 223 -2.16 19.18 -10.23
CA LYS D 223 -1.12 19.15 -11.26
C LYS D 223 -1.62 19.02 -12.69
N GLY D 224 -2.86 18.56 -12.87
CA GLY D 224 -3.45 18.40 -14.19
C GLY D 224 -3.83 19.71 -14.84
N ASP D 225 -4.49 19.65 -16.02
CA ASP D 225 -4.85 20.88 -16.72
C ASP D 225 -6.36 21.06 -16.96
N ILE D 226 -7.12 19.99 -17.18
CA ILE D 226 -8.54 20.12 -17.54
C ILE D 226 -9.48 20.61 -16.41
N LEU D 227 -9.16 20.37 -15.12
CA LEU D 227 -10.09 20.81 -14.06
C LEU D 227 -10.10 22.32 -13.83
N LYS D 228 -9.03 23.01 -14.23
CA LYS D 228 -8.98 24.47 -14.13
C LYS D 228 -9.74 25.15 -15.27
N GLU D 229 -10.06 24.41 -16.37
CA GLU D 229 -10.76 24.94 -17.53
C GLU D 229 -12.24 24.57 -17.52
N VAL D 230 -12.55 23.35 -17.08
CA VAL D 230 -13.90 22.80 -17.08
C VAL D 230 -14.61 22.93 -15.73
N GLN D 231 -15.80 23.54 -15.70
CA GLN D 231 -16.54 23.67 -14.44
C GLN D 231 -17.21 22.35 -14.04
N1 UMP E . 6.80 -4.90 17.58
C2 UMP E . 5.43 -4.95 17.49
N3 UMP E . 4.83 -5.77 18.41
C4 UMP E . 5.44 -6.53 19.38
C5 UMP E . 6.88 -6.42 19.41
C6 UMP E . 7.49 -5.63 18.52
O2 UMP E . 4.79 -4.33 16.65
O4 UMP E . 4.75 -7.23 20.12
C1' UMP E . 7.50 -3.92 16.71
C2' UMP E . 7.27 -2.48 17.16
C3' UMP E . 8.64 -1.82 17.04
C4' UMP E . 9.59 -3.00 17.26
O3' UMP E . 8.82 -1.33 15.72
O4' UMP E . 8.89 -4.17 16.79
C5' UMP E . 10.05 -3.19 18.69
O5' UMP E . 8.89 -3.10 19.56
P UMP E . 9.06 -3.49 21.12
OP1 UMP E . 10.26 -2.69 21.62
OP2 UMP E . 7.76 -3.07 21.79
OP3 UMP E . 9.29 -5.01 21.15
O1 P6G F . 2.80 7.70 -12.84
C2 P6G F . 2.55 7.71 -14.23
C3 P6G F . 3.70 8.26 -15.01
O4 P6G F . 3.62 7.93 -16.39
C5 P6G F . 3.87 6.55 -16.71
C6 P6G F . 5.26 6.12 -16.29
O7 P6G F . 5.78 5.17 -17.22
C8 P6G F . 6.68 5.76 -18.14
C9 P6G F . 6.45 5.18 -19.50
O10 P6G F . 6.59 6.21 -20.49
C11 P6G F . 5.57 6.14 -21.47
C12 P6G F . 4.32 6.83 -20.98
O13 P6G F . 4.18 8.09 -21.60
C14 P6G F . 3.07 8.83 -21.10
C15 P6G F . 2.96 10.14 -21.83
O16 P6G F . 4.12 10.93 -21.59
PA FDA G . 4.56 6.65 2.87
O1A FDA G . 5.83 5.90 2.60
O2A FDA G . 3.66 6.17 3.95
O5B FDA G . 3.73 6.72 1.50
C5B FDA G . 4.41 7.03 0.25
C4B FDA G . 3.36 7.55 -0.70
O4B FDA G . 2.31 6.55 -0.83
C3B FDA G . 2.64 8.80 -0.20
O3B FDA G . 3.31 9.98 -0.62
C2B FDA G . 1.22 8.66 -0.78
O2B FDA G . 1.20 9.13 -2.11
C1B FDA G . 1.03 7.14 -0.76
N9A FDA G . 0.28 6.55 0.34
C8A FDA G . 0.72 5.51 1.14
N7A FDA G . -0.23 5.03 1.91
C5A FDA G . -1.37 5.75 1.57
C6A FDA G . -2.71 5.70 2.00
N6A FDA G . -3.15 4.86 2.94
N1A FDA G . -3.59 6.55 1.42
C2A FDA G . -3.15 7.38 0.47
N3A FDA G . -1.92 7.52 -0.01
C4A FDA G . -1.07 6.65 0.56
N1 FDA G . 2.46 13.07 10.99
C2 FDA G . 1.56 13.21 12.01
O2 FDA G . 0.75 12.33 12.24
N3 FDA G . 1.63 14.37 12.74
C4 FDA G . 2.54 15.39 12.52
O4 FDA G . 2.50 16.39 13.24
C4X FDA G . 3.43 15.23 11.47
N5 FDA G . 4.33 16.20 11.15
C5X FDA G . 5.25 16.06 10.12
C6 FDA G . 6.16 17.05 9.85
C7 FDA G . 7.12 16.89 8.88
C7M FDA G . 8.13 17.97 8.63
C8 FDA G . 7.12 15.69 8.09
C8M FDA G . 8.14 15.49 7.02
C9 FDA G . 6.21 14.71 8.36
C9A FDA G . 5.26 14.86 9.38
N10 FDA G . 4.32 13.85 9.70
C10 FDA G . 3.36 14.06 10.67
C1' FDA G . 4.42 12.52 9.04
C2' FDA G . 3.51 12.41 7.83
O2' FDA G . 2.15 12.58 8.28
C3' FDA G . 3.68 11.08 7.07
O3' FDA G . 3.20 10.04 7.90
C4' FDA G . 5.09 10.70 6.61
O4' FDA G . 5.79 11.87 6.17
C5' FDA G . 5.09 9.68 5.50
O5' FDA G . 4.70 10.38 4.28
P FDA G . 4.00 9.55 3.11
O1P FDA G . 2.60 9.25 3.55
O2P FDA G . 4.20 10.28 1.82
O3P FDA G . 4.89 8.20 3.12
O1 PG4 H . -17.67 -25.61 4.95
C1 PG4 H . -17.37 -25.07 3.66
C2 PG4 H . -18.60 -24.92 2.82
O2 PG4 H . -18.90 -23.53 2.67
C3 PG4 H . -20.18 -23.28 2.09
C4 PG4 H . -20.61 -21.88 2.42
O3 PG4 H . -21.65 -21.87 3.40
C5 PG4 H . -21.37 -21.04 4.51
C6 PG4 H . -22.25 -21.40 5.65
O4 PG4 H . -21.76 -20.83 6.86
N1 UMP I . 6.00 12.88 12.68
C2 UMP I . 6.92 12.64 11.68
N3 UMP I . 7.76 13.70 11.41
C4 UMP I . 7.80 14.91 12.07
C5 UMP I . 6.82 15.08 13.09
C6 UMP I . 5.98 14.07 13.38
O2 UMP I . 6.96 11.60 11.04
O4 UMP I . 8.65 15.74 11.73
C1' UMP I . 5.15 11.75 13.09
C2' UMP I . 5.92 10.72 13.91
C3' UMP I . 4.97 10.35 15.03
C4' UMP I . 4.14 11.62 15.22
O3' UMP I . 4.12 9.30 14.58
O4' UMP I . 4.09 12.25 13.92
C5' UMP I . 4.68 12.58 16.26
O5' UMP I . 6.10 12.77 16.07
P UMP I . 6.87 13.86 16.98
OP1 UMP I . 6.45 13.54 18.40
OP2 UMP I . 6.41 15.22 16.50
OP3 UMP I . 8.36 13.61 16.74
C1 PEG J . -9.21 -13.58 -3.01
O1 PEG J . -9.15 -12.52 -2.05
C2 PEG J . -10.59 -14.08 -3.23
O2 PEG J . -11.13 -13.51 -4.41
C3 PEG J . -12.55 -13.44 -4.42
C4 PEG J . -13.00 -12.08 -3.97
O4 PEG J . -14.24 -11.70 -4.58
C1 PGE K . -5.49 -3.78 35.98
O1 PGE K . -5.91 -3.47 37.30
C2 PGE K . -4.25 -4.63 35.97
O2 PGE K . -4.18 -5.36 34.75
C3 PGE K . -3.46 -6.59 34.89
C4 PGE K . -4.35 -7.73 34.60
O4 PGE K . -4.07 -9.98 38.47
C6 PGE K . -4.10 -10.39 37.12
C5 PGE K . -4.79 -9.40 36.23
O3 PGE K . -3.87 -8.88 35.29
PA FDA L . 0.27 -4.17 7.72
O1A FDA L . -0.93 -3.32 8.01
O2A FDA L . 1.59 -3.48 7.53
O5B FDA L . -0.03 -5.08 6.45
C5B FDA L . -1.32 -5.71 6.33
C4B FDA L . -1.19 -6.77 5.27
O4B FDA L . -0.75 -6.13 4.04
C3B FDA L . -0.13 -7.83 5.57
O3B FDA L . -0.66 -8.93 6.30
C2B FDA L . 0.36 -8.23 4.18
O2B FDA L . -0.51 -9.18 3.61
C1B FDA L . 0.29 -6.89 3.45
N9A FDA L . 1.48 -6.05 3.38
C8A FDA L . 1.53 -4.73 3.74
N7A FDA L . 2.66 -4.16 3.42
C5A FDA L . 3.34 -5.12 2.70
C6A FDA L . 4.60 -5.12 2.05
N6A FDA L . 5.40 -4.06 2.03
N1A FDA L . 4.98 -6.25 1.40
C2A FDA L . 4.17 -7.32 1.47
N3A FDA L . 2.97 -7.44 2.04
C4A FDA L . 2.62 -6.29 2.65
N1 FDA L . 8.29 -6.42 14.28
C2 FDA L . 9.64 -6.23 14.36
O2 FDA L . 10.19 -5.47 13.59
N3 FDA L . 10.31 -6.92 15.34
C4 FDA L . 9.73 -7.79 16.25
O4 FDA L . 10.44 -8.37 17.08
C4X FDA L . 8.34 -7.95 16.16
N5 FDA L . 7.66 -8.77 17.03
C5X FDA L . 6.28 -8.89 16.99
C6 FDA L . 5.61 -9.67 17.92
C7 FDA L . 4.25 -9.80 17.88
C7M FDA L . 3.55 -10.66 18.89
C8 FDA L . 3.50 -9.11 16.87
C8M FDA L . 2.01 -9.22 16.79
C9 FDA L . 4.16 -8.34 15.95
C9A FDA L . 5.55 -8.19 16.01
N10 FDA L . 6.25 -7.37 15.08
C10 FDA L . 7.64 -7.28 15.12
C1' FDA L . 5.50 -6.53 14.12
C2' FDA L . 5.25 -7.24 12.78
O2' FDA L . 6.48 -7.57 12.16
C3' FDA L . 4.40 -6.43 11.82
O3' FDA L . 5.11 -5.24 11.47
C4' FDA L . 3.00 -6.03 12.31
O4' FDA L . 2.40 -7.18 12.92
C5' FDA L . 2.13 -5.55 11.18
O5' FDA L . 1.68 -6.73 10.47
P FDA L . 1.29 -6.63 8.93
O1P FDA L . 2.49 -6.42 8.08
O2P FDA L . 0.40 -7.80 8.70
O3P FDA L . 0.42 -5.28 8.87
N1 UMP M . -1.63 2.84 -18.69
C2 UMP M . -2.42 3.69 -17.95
N3 UMP M . -2.75 4.87 -18.57
C4 UMP M . -2.36 5.27 -19.83
C5 UMP M . -1.54 4.33 -20.55
C6 UMP M . -1.22 3.16 -19.97
O2 UMP M . -2.79 3.42 -16.82
O4 UMP M . -2.71 6.37 -20.24
C1' UMP M . -1.38 1.49 -18.14
C2' UMP M . -2.62 0.60 -18.19
C3' UMP M . -2.09 -0.76 -18.64
C4' UMP M . -0.89 -0.38 -19.49
O3' UMP M . -1.66 -1.52 -17.52
O4' UMP M . -0.39 0.85 -18.92
C5' UMP M . -1.19 -0.20 -20.95
O5' UMP M . -2.38 0.60 -21.13
P UMP M . -2.79 1.08 -22.61
OP1 UMP M . -4.21 1.60 -22.48
OP2 UMP M . -2.67 -0.15 -23.48
OP3 UMP M . -1.80 2.17 -22.98
C1 PEG N . -5.86 -16.89 -38.89
O1 PEG N . -4.45 -16.75 -38.91
C2 PEG N . -6.42 -16.64 -40.25
O2 PEG N . -7.85 -16.72 -40.21
C3 PEG N . -8.37 -17.81 -40.97
C4 PEG N . -8.31 -17.49 -42.44
O4 PEG N . -8.28 -18.66 -43.24
PA FDA O . -2.66 -7.56 -3.08
O1A FDA O . -1.31 -7.64 -3.70
O2A FDA O . -3.63 -6.56 -3.59
O5B FDA O . -2.49 -7.36 -1.50
C5B FDA O . -1.57 -8.23 -0.79
C4B FDA O . -2.01 -8.26 0.66
O4B FDA O . -1.92 -6.91 1.20
C3B FDA O . -3.46 -8.68 0.88
O3B FDA O . -3.55 -10.09 1.05
C2B FDA O . -3.85 -7.89 2.13
O2B FDA O . -3.36 -8.53 3.30
C1B FDA O . -3.10 -6.59 1.90
N9A FDA O . -3.78 -5.51 1.19
C8A FDA O . -3.35 -4.89 0.04
N7A FDA O . -4.09 -3.85 -0.28
C5A FDA O . -5.02 -3.76 0.75
C6A FDA O . -6.06 -2.83 1.01
N6A FDA O . -6.36 -1.82 0.21
N1A FDA O . -6.79 -3.03 2.12
C2A FDA O . -6.51 -4.08 2.91
N3A FDA O . -5.55 -4.99 2.78
C4A FDA O . -4.82 -4.76 1.68
N1 FDA O . -11.78 -9.87 -7.92
C2 FDA O . -12.96 -9.27 -8.27
O2 FDA O . -13.05 -8.06 -8.28
N3 FDA O . -13.99 -10.08 -8.64
C4 FDA O . -13.94 -11.47 -8.67
O4 FDA O . -14.94 -12.11 -9.01
C4X FDA O . -12.74 -12.07 -8.27
N5 FDA O . -12.58 -13.43 -8.28
C5X FDA O . -11.39 -14.04 -7.91
C6 FDA O . -11.25 -15.41 -7.97
C7 FDA O . -10.07 -16.01 -7.66
C7M FDA O . -9.96 -17.51 -7.73
C8 FDA O . -8.96 -15.21 -7.21
C8M FDA O . -7.64 -15.85 -6.83
C9 FDA O . -9.08 -13.85 -7.17
C9A FDA O . -10.29 -13.24 -7.53
N10 FDA O . -10.43 -11.82 -7.54
C10 FDA O . -11.65 -11.25 -7.89
C1' FDA O . -9.26 -10.96 -7.25
C2' FDA O . -9.11 -10.69 -5.75
O2' FDA O . -10.31 -10.08 -5.26
C3' FDA O . -7.89 -9.83 -5.42
O3' FDA O . -8.06 -8.55 -6.01
C4' FDA O . -6.53 -10.37 -5.85
O4' FDA O . -6.47 -11.77 -5.56
C5' FDA O . -5.37 -9.68 -5.16
O5' FDA O . -5.28 -10.33 -3.87
P FDA O . -4.75 -9.54 -2.60
O1P FDA O . -5.65 -8.39 -2.32
O2P FDA O . -4.55 -10.58 -1.55
O3P FDA O . -3.33 -9.03 -3.11
C1 PEG P . 5.10 -11.58 14.41
O1 PEG P . 4.18 -11.16 13.41
C2 PEG P . 6.40 -10.84 14.29
O2 PEG P . 7.24 -11.51 13.35
C3 PEG P . 8.16 -10.64 12.71
C4 PEG P . 9.35 -10.40 13.59
O4 PEG P . 10.33 -11.42 13.42
N1 UMP Q . -10.46 -11.59 -11.02
C2 UMP Q . -9.23 -12.16 -10.73
N3 UMP Q . -9.20 -13.53 -10.81
C4 UMP Q . -10.24 -14.36 -11.16
C5 UMP Q . -11.47 -13.70 -11.46
C6 UMP Q . -11.53 -12.36 -11.40
O2 UMP Q . -8.24 -11.50 -10.43
O4 UMP Q . -10.04 -15.58 -11.19
C1' UMP Q . -10.51 -10.11 -11.11
C2' UMP Q . -9.77 -9.57 -12.35
C3' UMP Q . -10.70 -8.49 -12.90
C4' UMP Q . -12.08 -8.97 -12.46
O3' UMP Q . -10.41 -7.25 -12.28
O4' UMP Q . -11.87 -9.71 -11.24
C5' UMP Q . -12.80 -9.83 -13.47
O5' UMP Q . -11.90 -10.81 -14.02
P UMP Q . -12.48 -11.97 -14.98
OP1 UMP Q . -13.28 -11.27 -16.05
OP2 UMP Q . -11.25 -12.68 -15.55
OP3 UMP Q . -13.30 -12.87 -14.08
O1 PG4 R . 4.95 21.24 9.89
C1 PG4 R . 4.19 20.37 10.73
C2 PG4 R . 2.84 20.93 11.02
O2 PG4 R . 2.04 19.98 11.72
C3 PG4 R . 1.56 18.92 10.89
C4 PG4 R . 0.13 19.13 10.49
O3 PG4 R . -0.12 18.51 9.23
C5 PG4 R . -0.26 17.09 9.29
C6 PG4 R . 0.40 16.42 8.13
O4 PG4 R . 1.74 16.87 8.01
C7 PG4 R . 2.50 16.13 7.06
C8 PG4 R . 3.52 17.01 6.42
O5 PG4 R . 4.06 16.40 5.27
PA FDA S . -1.31 4.28 -6.96
O1A FDA S . -2.71 4.45 -6.49
O2A FDA S . -0.89 2.90 -7.33
O5B FDA S . -0.32 4.87 -5.85
C5B FDA S . -0.57 6.16 -5.24
C4B FDA S . 0.72 6.68 -4.65
O4B FDA S . 1.27 5.70 -3.71
C3B FDA S . 1.85 6.89 -5.67
O3B FDA S . 1.74 8.16 -6.28
C2B FDA S . 3.11 6.67 -4.84
O2B FDA S . 3.45 7.82 -4.10
C1B FDA S . 2.65 5.54 -3.92
N9A FDA S . 2.91 4.16 -4.32
C8A FDA S . 1.98 3.15 -4.36
N7A FDA S . 2.53 1.97 -4.50
C5A FDA S . 3.90 2.21 -4.51
C6A FDA S . 5.02 1.35 -4.63
N6A FDA S . 4.94 0.03 -4.78
N1A FDA S . 6.25 1.93 -4.59
C2A FDA S . 6.32 3.25 -4.41
N3A FDA S . 5.35 4.14 -4.26
C4A FDA S . 4.14 3.55 -4.35
N1 FDA S . 1.93 2.54 -16.95
C2 FDA S . 2.61 1.62 -17.69
O2 FDA S . 2.95 0.56 -17.20
N3 FDA S . 2.91 1.97 -18.99
C4 FDA S . 2.58 3.17 -19.58
O4 FDA S . 2.94 3.40 -20.73
C4X FDA S . 1.88 4.10 -18.80
N5 FDA S . 1.50 5.31 -19.30
C5X FDA S . 0.79 6.21 -18.54
C6 FDA S . 0.37 7.41 -19.08
C7 FDA S . -0.38 8.30 -18.35
C7M FDA S . -0.81 9.60 -18.96
C8 FDA S . -0.71 7.98 -16.98
C8M FDA S . -1.51 8.94 -16.14
C9 FDA S . -0.32 6.79 -16.46
C9A FDA S . 0.41 5.88 -17.22
N10 FDA S . 0.80 4.62 -16.69
C10 FDA S . 1.58 3.77 -17.45
C1' FDA S . 0.32 4.18 -15.37
C2' FDA S . 1.30 4.51 -14.25
O2' FDA S . 2.53 3.80 -14.50
C3' FDA S . 0.75 4.14 -12.87
O3' FDA S . 0.65 2.73 -12.78
C4' FDA S . -0.60 4.74 -12.46
O4' FDA S . -0.64 6.11 -12.86
C5' FDA S . -0.82 4.67 -10.97
O5' FDA S . -0.12 5.81 -10.43
P FDA S . 0.34 5.81 -8.91
O1P FDA S . 1.46 4.82 -8.76
O2P FDA S . 0.62 7.25 -8.61
O3P FDA S . -0.99 5.29 -8.18
#